data_4UY7
#
_entry.id   4UY7
#
_cell.length_a   74.499
_cell.length_b   74.499
_cell.length_c   138.954
_cell.angle_alpha   90.00
_cell.angle_beta   90.00
_cell.angle_gamma   90.00
#
_symmetry.space_group_name_H-M   'P 41'
#
loop_
_entity.id
_entity.type
_entity.pdbx_description
1 polymer 'HISTIDINE-SPECIFIC METHYLTRANSFERASE EGTD'
2 non-polymer HISTIDINE
3 water water
#
_entity_poly.entity_id   1
_entity_poly.type   'polypeptide(L)'
_entity_poly.pdbx_seq_one_letter_code
;TLSLANYLAADSAAEALRRDVRAGLTAAPKSLPPKWFYDAVGSDLFDQITRLPEYYPTRTEAQILRTRSAEIIAAAGADT
LVELGSGTSEKTRMLLDAMRDAELLRRFIPFDVDAGVLRSAGAAIGAEYPGIEIDAVCGDFEEHLGKIPHVGRRLVVFLG
STIGNLTPAPRAEFLSTLADTLQPGDSLLLGTDLVKDTGRLVRAYDDAAGVTAAFNRNVLAVVNRELSADFDLDAFEHVA
KWNSDEERIEMWLRARTAQHVRVAALDLEVDFAAGEEMLTEVSCKFRPENVVAELAEAGLRQTHWWTDPAGDFGLSLAVR
LEHHHHHH
;
_entity_poly.pdbx_strand_id   A,B
#
# COMPACT_ATOMS: atom_id res chain seq x y z
N THR A 1 26.15 -13.68 10.56
CA THR A 1 25.24 -13.90 11.70
C THR A 1 24.50 -12.61 12.04
N LEU A 2 23.54 -12.69 12.96
CA LEU A 2 22.80 -11.51 13.43
C LEU A 2 23.00 -11.21 14.92
N SER A 3 23.09 -9.92 15.22
CA SER A 3 23.08 -9.39 16.58
C SER A 3 22.15 -8.18 16.66
N LEU A 4 21.01 -8.33 17.33
CA LEU A 4 20.12 -7.20 17.53
C LEU A 4 20.28 -6.63 18.93
N ALA A 5 20.42 -5.31 19.02
CA ALA A 5 20.49 -4.62 20.30
C ALA A 5 19.30 -3.67 20.45
N ASN A 6 18.41 -3.94 21.40
CA ASN A 6 17.20 -3.15 21.55
C ASN A 6 17.30 -2.09 22.66
N TYR A 7 17.38 -0.81 22.29
CA TYR A 7 17.48 0.24 23.30
C TYR A 7 16.18 0.96 23.62
N LEU A 8 15.08 0.54 23.00
CA LEU A 8 13.78 1.17 23.27
C LEU A 8 12.98 0.36 24.30
N ALA A 9 12.64 1.01 25.41
CA ALA A 9 11.70 0.45 26.37
C ALA A 9 10.36 0.17 25.69
N ALA A 10 9.57 -0.74 26.25
CA ALA A 10 8.27 -1.06 25.65
C ALA A 10 7.35 0.16 25.72
N ASP A 11 7.47 0.91 26.82
CA ASP A 11 6.60 2.05 27.07
C ASP A 11 7.27 3.39 26.70
N SER A 12 8.39 3.32 25.99
CA SER A 12 9.08 4.53 25.54
C SER A 12 8.24 5.22 24.47
N ALA A 13 7.64 4.41 23.60
CA ALA A 13 6.80 4.89 22.52
C ALA A 13 5.48 5.45 23.03
N ALA A 14 4.80 4.71 23.91
CA ALA A 14 3.54 5.15 24.53
C ALA A 14 3.68 6.52 25.21
N GLU A 15 4.77 6.68 25.95
CA GLU A 15 4.99 7.83 26.84
C GLU A 15 5.36 9.10 26.06
N ALA A 16 6.10 8.91 24.97
CA ALA A 16 6.48 10.01 24.09
C ALA A 16 5.27 10.53 23.31
N LEU A 17 4.40 9.61 22.91
CA LEU A 17 3.16 9.99 22.24
C LEU A 17 2.26 10.83 23.15
N ARG A 18 1.99 10.36 24.38
CA ARG A 18 1.24 11.14 25.36
C ARG A 18 1.80 12.55 25.47
N ARG A 19 3.11 12.59 25.73
CA ARG A 19 3.88 13.81 25.84
C ARG A 19 3.67 14.75 24.66
N ASP A 20 3.86 14.20 23.46
CA ASP A 20 3.77 14.94 22.19
C ASP A 20 2.36 15.46 21.87
N VAL A 21 1.36 14.60 21.97
CA VAL A 21 -0.01 14.98 21.64
C VAL A 21 -0.45 16.09 22.59
N ARG A 22 -0.11 15.95 23.86
CA ARG A 22 -0.49 16.94 24.86
C ARG A 22 0.07 18.32 24.49
N ALA A 23 1.34 18.40 24.10
CA ALA A 23 1.94 19.69 23.74
C ALA A 23 1.35 20.21 22.43
N GLY A 24 1.25 19.32 21.45
CA GLY A 24 0.70 19.62 20.15
C GLY A 24 -0.73 20.14 20.13
N LEU A 25 -1.61 19.57 20.93
CA LEU A 25 -3.03 19.94 20.88
C LEU A 25 -3.37 21.12 21.79
N THR A 26 -2.42 21.53 22.62
CA THR A 26 -2.69 22.61 23.58
C THR A 26 -1.90 23.86 23.24
N ALA A 27 -1.01 23.76 22.25
CA ALA A 27 -0.29 24.92 21.76
C ALA A 27 -1.28 25.85 21.06
N ALA A 28 -0.99 27.15 21.06
CA ALA A 28 -1.85 28.11 20.37
C ALA A 28 -1.93 27.75 18.88
N PRO A 29 -0.78 27.46 18.22
CA PRO A 29 -0.91 26.77 16.93
C PRO A 29 -0.81 25.26 17.10
N LYS A 30 -1.93 24.55 16.95
CA LYS A 30 -1.92 23.11 17.12
C LYS A 30 -1.00 22.41 16.12
N SER A 31 -0.39 21.32 16.56
CA SER A 31 0.51 20.57 15.70
C SER A 31 0.59 19.12 16.16
N LEU A 32 1.21 18.28 15.32
CA LEU A 32 1.51 16.91 15.70
C LEU A 32 2.83 16.52 15.03
N PRO A 33 3.69 15.80 15.76
CA PRO A 33 5.00 15.45 15.18
C PRO A 33 4.91 14.33 14.14
N PRO A 34 5.53 14.52 12.96
CA PRO A 34 5.48 13.59 11.81
C PRO A 34 5.81 12.13 12.16
N LYS A 35 6.67 11.89 13.15
CA LYS A 35 7.09 10.54 13.49
C LYS A 35 5.90 9.60 13.72
N TRP A 36 4.78 10.16 14.13
CA TRP A 36 3.59 9.37 14.42
C TRP A 36 2.77 9.00 13.17
N PHE A 37 3.20 9.46 12.00
CA PHE A 37 2.59 8.98 10.76
C PHE A 37 2.81 7.48 10.57
N TYR A 38 3.81 6.92 11.25
CA TYR A 38 4.35 5.63 10.79
C TYR A 38 4.02 4.42 11.68
N ASP A 39 2.72 4.27 11.99
CA ASP A 39 2.19 2.99 12.46
C ASP A 39 2.08 2.03 11.25
N ALA A 40 1.52 0.84 11.45
CA ALA A 40 1.46 -0.15 10.37
C ALA A 40 0.70 0.39 9.14
N VAL A 41 -0.45 1.01 9.38
CA VAL A 41 -1.29 1.56 8.32
C VAL A 41 -0.61 2.75 7.63
N GLY A 42 -0.09 3.66 8.45
CA GLY A 42 0.55 4.84 7.96
C GLY A 42 1.73 4.55 7.04
N SER A 43 2.50 3.55 7.43
CA SER A 43 3.75 3.25 6.75
C SER A 43 3.47 2.52 5.44
N ASP A 44 2.44 1.69 5.42
CA ASP A 44 1.94 1.15 4.14
C ASP A 44 1.42 2.25 3.20
N LEU A 45 0.77 3.26 3.76
CA LEU A 45 0.32 4.37 2.94
C LEU A 45 1.50 5.15 2.37
N PHE A 46 2.58 5.26 3.16
CA PHE A 46 3.73 6.03 2.70
C PHE A 46 4.44 5.25 1.59
N ASP A 47 4.49 3.94 1.74
CA ASP A 47 5.05 3.08 0.72
C ASP A 47 4.26 3.26 -0.57
N GLN A 48 2.96 3.47 -0.44
CA GLN A 48 2.19 3.72 -1.63
C GLN A 48 2.49 5.10 -2.19
N ILE A 49 2.80 6.05 -1.31
CA ILE A 49 3.14 7.39 -1.77
C ILE A 49 4.41 7.35 -2.66
N THR A 50 5.37 6.50 -2.31
CA THR A 50 6.61 6.42 -3.09
C THR A 50 6.38 5.99 -4.54
N ARG A 51 5.18 5.52 -4.86
CA ARG A 51 4.88 5.07 -6.22
C ARG A 51 3.94 6.02 -6.96
N LEU A 52 3.53 7.09 -6.31
CA LEU A 52 2.57 8.00 -6.95
C LEU A 52 3.25 8.76 -8.06
N PRO A 53 2.54 8.96 -9.18
CA PRO A 53 3.08 9.72 -10.31
C PRO A 53 3.65 11.07 -9.86
N GLU A 54 2.89 11.83 -9.07
CA GLU A 54 3.36 13.15 -8.61
C GLU A 54 4.51 13.10 -7.60
N TYR A 55 4.73 11.97 -6.92
CA TYR A 55 5.72 11.95 -5.85
C TYR A 55 7.07 11.46 -6.37
N TYR A 56 7.80 12.36 -7.02
CA TYR A 56 9.10 12.06 -7.63
C TYR A 56 10.24 11.65 -6.66
N PRO A 57 10.28 12.17 -5.40
CA PRO A 57 11.55 12.05 -4.66
C PRO A 57 12.10 10.65 -4.43
N THR A 58 11.27 9.67 -4.10
CA THR A 58 11.81 8.32 -3.92
C THR A 58 12.47 7.79 -5.18
N ARG A 59 11.79 7.88 -6.31
CA ARG A 59 12.30 7.24 -7.53
C ARG A 59 13.46 8.03 -8.11
N THR A 60 13.47 9.33 -7.87
CA THR A 60 14.60 10.13 -8.32
C THR A 60 15.86 9.74 -7.52
N GLU A 61 15.73 9.65 -6.20
CA GLU A 61 16.87 9.31 -5.38
C GLU A 61 17.33 7.90 -5.66
N ALA A 62 16.36 7.01 -5.87
CA ALA A 62 16.67 5.63 -6.25
C ALA A 62 17.49 5.57 -7.53
N GLN A 63 17.10 6.40 -8.51
CA GLN A 63 17.77 6.40 -9.80
C GLN A 63 19.21 6.90 -9.71
N ILE A 64 19.43 8.01 -8.98
CA ILE A 64 20.79 8.48 -8.75
C ILE A 64 21.64 7.40 -8.10
N LEU A 65 21.09 6.82 -7.03
CA LEU A 65 21.75 5.77 -6.29
C LEU A 65 22.15 4.63 -7.22
N ARG A 66 21.30 4.32 -8.19
CA ARG A 66 21.56 3.23 -9.12
C ARG A 66 22.84 3.50 -9.91
N THR A 67 22.93 4.70 -10.47
CA THR A 67 24.09 5.12 -11.28
C THR A 67 25.39 5.27 -10.48
N ARG A 68 25.25 5.66 -9.22
CA ARG A 68 26.41 6.13 -8.46
C ARG A 68 26.90 5.17 -7.38
N SER A 69 26.14 4.09 -7.17
CA SER A 69 26.50 3.04 -6.21
C SER A 69 27.96 2.56 -6.31
N ALA A 70 28.39 2.22 -7.51
CA ALA A 70 29.77 1.75 -7.70
C ALA A 70 30.76 2.84 -7.27
N GLU A 71 30.45 4.05 -7.68
CA GLU A 71 31.27 5.21 -7.45
C GLU A 71 31.29 5.60 -5.96
N ILE A 72 30.12 5.58 -5.33
CA ILE A 72 30.04 5.80 -3.89
C ILE A 72 30.95 4.81 -3.15
N ILE A 73 30.84 3.53 -3.50
CA ILE A 73 31.60 2.52 -2.79
C ILE A 73 33.10 2.70 -2.99
N ALA A 74 33.55 2.98 -4.23
CA ALA A 74 34.97 3.22 -4.50
C ALA A 74 35.49 4.42 -3.68
N ALA A 75 34.69 5.46 -3.62
CA ALA A 75 35.01 6.65 -2.85
C ALA A 75 34.95 6.42 -1.32
N ALA A 76 33.97 5.66 -0.84
CA ALA A 76 33.94 5.38 0.60
C ALA A 76 35.07 4.43 0.96
N GLY A 77 35.26 3.40 0.14
CA GLY A 77 36.23 2.35 0.43
C GLY A 77 35.92 1.65 1.75
N ALA A 78 34.65 1.70 2.15
CA ALA A 78 34.22 1.12 3.42
C ALA A 78 33.81 -0.35 3.28
N ASP A 79 33.91 -1.09 4.38
CA ASP A 79 33.50 -2.50 4.41
C ASP A 79 32.22 -2.64 5.23
N THR A 80 31.80 -1.53 5.82
CA THR A 80 30.66 -1.51 6.73
C THR A 80 29.62 -0.48 6.30
N LEU A 81 28.41 -0.97 6.01
CA LEU A 81 27.28 -0.10 5.70
C LEU A 81 26.34 0.06 6.91
N VAL A 82 26.28 1.29 7.43
CA VAL A 82 25.26 1.71 8.39
C VAL A 82 24.10 2.40 7.68
N GLU A 83 22.89 1.90 7.90
CA GLU A 83 21.67 2.45 7.30
C GLU A 83 20.81 3.08 8.38
N LEU A 84 20.80 4.42 8.46
CA LEU A 84 19.96 5.13 9.43
C LEU A 84 18.51 5.21 8.94
N GLY A 85 17.63 4.51 9.66
CA GLY A 85 16.24 4.39 9.27
C GLY A 85 16.14 3.25 8.28
N SER A 86 14.97 2.64 8.19
CA SER A 86 14.70 1.63 7.17
C SER A 86 13.42 2.00 6.43
N GLY A 87 13.07 1.24 5.40
CA GLY A 87 11.97 1.59 4.54
C GLY A 87 12.49 2.12 3.21
N THR A 88 13.81 2.06 3.07
CA THR A 88 14.46 2.30 1.79
C THR A 88 15.17 0.99 1.44
N SER A 89 14.39 -0.08 1.31
CA SER A 89 14.97 -1.42 1.21
C SER A 89 15.63 -1.68 -0.14
N GLU A 90 15.00 -1.24 -1.22
CA GLU A 90 15.58 -1.47 -2.53
C GLU A 90 16.89 -0.70 -2.70
N LYS A 91 16.95 0.49 -2.10
CA LYS A 91 18.14 1.32 -2.12
C LYS A 91 19.30 0.68 -1.34
N THR A 92 18.96 -0.04 -0.29
CA THR A 92 19.98 -0.71 0.51
C THR A 92 20.71 -1.73 -0.35
N ARG A 93 19.94 -2.51 -1.09
CA ARG A 93 20.50 -3.58 -1.90
C ARG A 93 21.50 -3.04 -2.94
N MET A 94 21.17 -1.88 -3.50
CA MET A 94 22.08 -1.20 -4.44
C MET A 94 23.46 -0.96 -3.80
N LEU A 95 23.47 -0.48 -2.56
CA LEU A 95 24.73 -0.20 -1.87
C LEU A 95 25.44 -1.48 -1.47
N LEU A 96 24.66 -2.46 -1.03
CA LEU A 96 25.22 -3.75 -0.65
C LEU A 96 25.79 -4.50 -1.85
N ASP A 97 25.06 -4.47 -2.96
CA ASP A 97 25.55 -5.13 -4.18
C ASP A 97 26.86 -4.51 -4.64
N ALA A 98 26.91 -3.18 -4.66
CA ALA A 98 28.11 -2.45 -5.07
C ALA A 98 29.29 -2.73 -4.14
N MET A 99 29.01 -3.00 -2.87
CA MET A 99 30.08 -3.34 -1.91
C MET A 99 30.62 -4.74 -2.16
N ARG A 100 29.71 -5.65 -2.50
CA ARG A 100 30.05 -7.00 -2.89
C ARG A 100 30.82 -7.02 -4.22
N ASP A 101 30.30 -6.36 -5.26
CA ASP A 101 31.02 -6.23 -6.53
C ASP A 101 32.46 -5.86 -6.28
N ALA A 102 32.67 -4.95 -5.32
CA ALA A 102 34.00 -4.46 -4.99
C ALA A 102 34.75 -5.37 -4.01
N GLU A 103 34.14 -6.52 -3.67
CA GLU A 103 34.74 -7.49 -2.75
C GLU A 103 35.07 -6.85 -1.39
N LEU A 104 34.23 -5.89 -0.97
CA LEU A 104 34.50 -5.13 0.24
C LEU A 104 33.50 -5.40 1.37
N LEU A 105 32.36 -5.99 1.03
CA LEU A 105 31.28 -6.19 1.99
C LEU A 105 31.68 -7.12 3.14
N ARG A 106 31.43 -6.65 4.36
CA ARG A 106 31.78 -7.38 5.60
C ARG A 106 30.69 -7.23 6.68
N ARG A 107 30.20 -6.01 6.87
CA ARG A 107 29.23 -5.72 7.93
C ARG A 107 28.06 -4.79 7.49
N PHE A 108 26.87 -5.08 8.01
CA PHE A 108 25.67 -4.27 7.80
C PHE A 108 25.12 -3.87 9.17
N ILE A 109 24.80 -2.60 9.34
CA ILE A 109 24.29 -2.08 10.60
C ILE A 109 23.05 -1.23 10.38
N PRO A 110 21.88 -1.87 10.28
CA PRO A 110 20.61 -1.14 10.25
C PRO A 110 20.25 -0.56 11.63
N PHE A 111 19.61 0.59 11.60
CA PHE A 111 19.29 1.35 12.79
C PHE A 111 17.89 1.95 12.60
N ASP A 112 16.88 1.33 13.22
CA ASP A 112 15.49 1.77 13.07
C ASP A 112 14.79 1.66 14.42
N VAL A 113 13.48 1.90 14.45
CA VAL A 113 12.75 1.87 15.70
C VAL A 113 11.80 0.66 15.85
N ASP A 114 11.59 -0.08 14.78
CA ASP A 114 10.75 -1.26 14.87
C ASP A 114 11.64 -2.49 14.90
N ALA A 115 11.76 -3.10 16.09
CA ALA A 115 12.65 -4.26 16.24
C ALA A 115 12.17 -5.37 15.31
N GLY A 116 10.87 -5.48 15.12
CA GLY A 116 10.32 -6.47 14.21
C GLY A 116 10.74 -6.28 12.77
N VAL A 117 10.74 -5.03 12.30
CA VAL A 117 11.16 -4.74 10.92
C VAL A 117 12.65 -5.04 10.78
N LEU A 118 13.43 -4.60 11.77
CA LEU A 118 14.85 -4.94 11.84
C LEU A 118 15.01 -6.46 11.81
N ARG A 119 14.51 -7.14 12.84
CA ARG A 119 14.58 -8.59 12.98
C ARG A 119 14.34 -9.37 11.69
N SER A 120 13.41 -8.88 10.86
CA SER A 120 13.02 -9.60 9.66
C SER A 120 14.02 -9.34 8.54
N ALA A 121 14.12 -8.08 8.12
CA ALA A 121 15.02 -7.65 7.05
C ALA A 121 16.48 -8.11 7.24
N GLY A 122 16.86 -8.39 8.48
CA GLY A 122 18.18 -8.94 8.76
C GLY A 122 18.29 -10.37 8.26
N ALA A 123 17.25 -11.16 8.47
CA ALA A 123 17.24 -12.53 8.00
C ALA A 123 17.20 -12.57 6.47
N ALA A 124 16.72 -11.50 5.86
CA ALA A 124 16.62 -11.43 4.39
C ALA A 124 17.93 -10.97 3.73
N ILE A 125 18.53 -9.92 4.29
CA ILE A 125 19.86 -9.49 3.90
C ILE A 125 20.88 -10.58 4.23
N GLY A 126 20.71 -11.20 5.40
CA GLY A 126 21.57 -12.28 5.84
C GLY A 126 21.50 -13.49 4.92
N ALA A 127 20.39 -13.57 4.19
CA ALA A 127 20.17 -14.64 3.23
C ALA A 127 20.91 -14.35 1.95
N GLU A 128 20.68 -13.15 1.41
CA GLU A 128 21.20 -12.76 0.11
C GLU A 128 22.73 -12.65 0.10
N TYR A 129 23.32 -12.18 1.20
CA TYR A 129 24.78 -11.99 1.25
C TYR A 129 25.39 -12.85 2.34
N PRO A 130 25.52 -14.16 2.08
CA PRO A 130 26.07 -15.08 3.09
C PRO A 130 27.42 -14.61 3.60
N GLY A 131 27.64 -14.77 4.90
CA GLY A 131 28.94 -14.52 5.50
C GLY A 131 29.04 -13.11 6.06
N ILE A 132 27.91 -12.44 6.16
CA ILE A 132 27.89 -11.06 6.59
C ILE A 132 27.64 -10.94 8.10
N GLU A 133 28.30 -9.95 8.71
CA GLU A 133 28.11 -9.61 10.11
C GLU A 133 27.03 -8.53 10.25
N ILE A 134 25.76 -8.93 10.42
CA ILE A 134 24.67 -7.98 10.67
C ILE A 134 24.51 -7.64 12.16
N ASP A 135 24.64 -6.36 12.49
CA ASP A 135 24.43 -5.87 13.86
C ASP A 135 23.33 -4.80 13.90
N ALA A 136 22.08 -5.23 14.03
CA ALA A 136 20.97 -4.31 14.05
C ALA A 136 20.87 -3.60 15.41
N VAL A 137 20.56 -2.31 15.36
CA VAL A 137 20.30 -1.50 16.57
C VAL A 137 18.86 -0.98 16.52
N CYS A 138 18.06 -1.34 17.52
CA CYS A 138 16.76 -0.71 17.71
C CYS A 138 16.97 0.53 18.59
N GLY A 139 16.89 1.72 17.98
CA GLY A 139 17.26 2.94 18.67
C GLY A 139 16.65 4.17 18.06
N ASP A 140 16.91 5.32 18.68
CA ASP A 140 16.33 6.58 18.23
C ASP A 140 17.39 7.63 17.96
N PHE A 141 17.28 8.25 16.77
CA PHE A 141 18.18 9.30 16.27
C PHE A 141 18.65 10.29 17.32
N GLU A 142 17.70 10.78 18.11
CA GLU A 142 17.99 11.86 19.06
C GLU A 142 18.66 11.38 20.36
N GLU A 143 18.74 10.07 20.55
CA GLU A 143 19.40 9.53 21.76
C GLU A 143 20.48 8.47 21.48
N HIS A 144 20.29 7.65 20.44
CA HIS A 144 21.00 6.39 20.35
C HIS A 144 21.98 6.22 19.21
N LEU A 145 22.25 7.30 18.49
CA LEU A 145 23.21 7.21 17.40
C LEU A 145 24.56 6.79 18.02
N GLY A 146 24.84 7.32 19.21
CA GLY A 146 26.05 6.98 19.92
C GLY A 146 26.23 5.49 20.12
N LYS A 147 25.11 4.76 20.17
CA LYS A 147 25.13 3.30 20.34
C LYS A 147 25.66 2.55 19.12
N ILE A 148 25.79 3.24 17.97
CA ILE A 148 26.22 2.58 16.73
C ILE A 148 27.73 2.33 16.72
N PRO A 149 28.13 1.04 16.56
CA PRO A 149 29.52 0.55 16.63
C PRO A 149 30.53 1.29 15.73
N HIS A 150 31.68 1.72 16.28
CA HIS A 150 32.73 2.41 15.51
C HIS A 150 33.91 1.48 15.20
N VAL A 151 33.62 0.20 15.02
CA VAL A 151 34.63 -0.79 14.67
C VAL A 151 34.62 -0.93 13.14
N GLY A 152 35.80 -0.81 12.53
CA GLY A 152 35.92 -0.72 11.08
C GLY A 152 35.70 0.68 10.55
N ARG A 153 35.88 0.88 9.24
CA ARG A 153 35.57 2.17 8.62
C ARG A 153 34.22 2.07 7.89
N ARG A 154 33.37 3.05 8.12
CA ARG A 154 31.96 2.88 7.83
C ARG A 154 31.37 3.86 6.82
N LEU A 155 30.50 3.36 5.95
CA LEU A 155 29.63 4.19 5.15
C LEU A 155 28.27 4.29 5.85
N VAL A 156 27.98 5.50 6.33
CA VAL A 156 26.73 5.77 7.03
C VAL A 156 25.78 6.47 6.07
N VAL A 157 24.61 5.88 5.86
CA VAL A 157 23.66 6.41 4.87
C VAL A 157 22.36 6.89 5.50
N PHE A 158 21.93 8.07 5.08
CA PHE A 158 20.68 8.63 5.53
C PHE A 158 19.92 9.08 4.28
N LEU A 159 19.12 8.17 3.75
CA LEU A 159 18.32 8.39 2.55
C LEU A 159 16.85 8.60 2.90
N GLY A 160 16.00 8.71 1.88
CA GLY A 160 14.57 8.94 2.09
C GLY A 160 14.21 10.40 2.32
N SER A 161 15.18 11.30 2.15
CA SER A 161 15.04 12.74 2.43
C SER A 161 14.28 13.08 3.72
N THR A 162 14.43 12.22 4.73
CA THR A 162 13.86 12.40 6.08
C THR A 162 14.35 13.66 6.75
N ILE A 163 15.64 13.96 6.52
CA ILE A 163 16.31 15.11 7.10
C ILE A 163 15.57 16.41 6.83
N GLY A 164 14.79 16.43 5.74
CA GLY A 164 13.98 17.57 5.35
C GLY A 164 12.73 17.72 6.22
N ASN A 165 12.32 16.65 6.89
CA ASN A 165 11.16 16.75 7.80
C ASN A 165 11.49 17.41 9.15
N LEU A 166 12.77 17.76 9.35
CA LEU A 166 13.23 18.54 10.51
C LEU A 166 13.43 20.00 10.15
N THR A 167 13.00 20.91 11.03
CA THR A 167 13.18 22.35 10.86
C THR A 167 14.65 22.73 11.09
N PRO A 168 15.06 23.95 10.68
CA PRO A 168 16.48 24.31 10.76
C PRO A 168 17.20 23.96 12.08
N ALA A 169 16.65 24.36 13.23
CA ALA A 169 17.37 24.17 14.49
C ALA A 169 17.51 22.67 14.87
N PRO A 170 16.41 21.90 14.88
CA PRO A 170 16.69 20.50 15.16
C PRO A 170 17.40 19.79 14.01
N ARG A 171 17.31 20.30 12.76
CA ARG A 171 18.07 19.71 11.64
C ARG A 171 19.58 19.94 11.79
N ALA A 172 19.98 21.17 12.09
CA ALA A 172 21.39 21.45 12.39
C ALA A 172 21.86 20.57 13.55
N GLU A 173 21.00 20.45 14.57
CA GLU A 173 21.31 19.68 15.78
C GLU A 173 21.52 18.18 15.49
N PHE A 174 20.66 17.58 14.66
CA PHE A 174 20.81 16.18 14.25
C PHE A 174 22.04 15.96 13.34
N LEU A 175 22.24 16.85 12.38
CA LEU A 175 23.40 16.73 11.49
C LEU A 175 24.70 16.76 12.30
N SER A 176 24.71 17.59 13.34
CA SER A 176 25.91 17.79 14.15
C SER A 176 26.19 16.59 15.05
N THR A 177 25.18 16.07 15.73
CA THR A 177 25.42 14.95 16.64
C THR A 177 25.81 13.71 15.80
N LEU A 178 25.15 13.54 14.65
CA LEU A 178 25.50 12.50 13.67
C LEU A 178 26.94 12.62 13.15
N ALA A 179 27.36 13.85 12.85
CA ALA A 179 28.74 14.13 12.44
C ALA A 179 29.73 13.70 13.51
N ASP A 180 29.32 13.83 14.77
CA ASP A 180 30.17 13.49 15.91
C ASP A 180 30.49 12.00 15.99
N THR A 181 29.56 11.17 15.52
CA THR A 181 29.74 9.72 15.59
C THR A 181 30.77 9.20 14.59
N LEU A 182 30.94 9.89 13.47
CA LEU A 182 31.87 9.44 12.44
C LEU A 182 33.31 9.45 12.95
N GLN A 183 34.01 8.35 12.73
CA GLN A 183 35.45 8.31 12.97
C GLN A 183 36.17 8.85 11.74
N PRO A 184 37.44 9.23 11.87
CA PRO A 184 38.24 9.50 10.67
C PRO A 184 38.24 8.27 9.74
N GLY A 185 37.98 8.48 8.45
CA GLY A 185 37.87 7.38 7.51
C GLY A 185 36.44 6.92 7.23
N ASP A 186 35.47 7.43 7.98
CA ASP A 186 34.06 7.14 7.70
C ASP A 186 33.50 8.16 6.72
N SER A 187 32.37 7.84 6.11
CA SER A 187 31.72 8.77 5.18
C SER A 187 30.21 8.81 5.42
N LEU A 188 29.63 9.97 5.19
CA LEU A 188 28.19 10.08 5.30
C LEU A 188 27.62 10.35 3.91
N LEU A 189 26.62 9.56 3.54
CA LEU A 189 25.88 9.72 2.32
C LEU A 189 24.51 10.22 2.72
N LEU A 190 24.16 11.39 2.20
CA LEU A 190 22.97 12.09 2.60
C LEU A 190 22.18 12.50 1.35
N GLY A 191 20.85 12.36 1.38
CA GLY A 191 20.00 12.77 0.28
C GLY A 191 19.20 14.00 0.64
N THR A 192 19.08 14.93 -0.30
CA THR A 192 18.34 16.17 -0.09
C THR A 192 17.54 16.54 -1.34
N ASP A 193 16.22 16.68 -1.21
CA ASP A 193 15.37 17.13 -2.30
C ASP A 193 15.60 18.60 -2.55
N LEU A 194 15.64 19.02 -3.81
CA LEU A 194 15.99 20.41 -4.16
C LEU A 194 14.83 21.31 -4.54
N VAL A 195 14.94 22.59 -4.23
CA VAL A 195 14.01 23.61 -4.73
C VAL A 195 13.81 23.49 -6.26
N LYS A 196 12.55 23.60 -6.69
CA LYS A 196 12.14 23.33 -8.07
C LYS A 196 10.81 24.03 -8.27
N ASP A 197 10.18 23.84 -9.43
CA ASP A 197 8.87 24.43 -9.65
C ASP A 197 7.90 24.10 -8.49
N THR A 198 7.36 25.15 -7.87
CA THR A 198 6.53 25.00 -6.67
C THR A 198 5.20 24.28 -6.93
N GLY A 199 4.71 24.36 -8.16
CA GLY A 199 3.53 23.59 -8.55
C GLY A 199 3.80 22.10 -8.50
N ARG A 200 4.98 21.69 -8.93
CA ARG A 200 5.37 20.28 -8.81
C ARG A 200 5.56 19.90 -7.35
N LEU A 201 6.00 20.86 -6.54
CA LEU A 201 6.25 20.63 -5.14
C LEU A 201 4.95 20.43 -4.39
N VAL A 202 3.97 21.29 -4.68
CA VAL A 202 2.69 21.17 -4.02
C VAL A 202 2.00 19.88 -4.46
N ARG A 203 2.07 19.57 -5.75
CA ARG A 203 1.36 18.39 -6.24
C ARG A 203 1.94 17.12 -5.63
N ALA A 204 3.25 17.12 -5.40
CA ALA A 204 3.92 15.94 -4.83
C ALA A 204 3.39 15.62 -3.43
N TYR A 205 2.88 16.63 -2.75
CA TYR A 205 2.41 16.49 -1.37
C TYR A 205 0.89 16.62 -1.24
N ASP A 206 0.20 16.53 -2.37
CA ASP A 206 -1.26 16.49 -2.40
C ASP A 206 -1.68 15.87 -3.74
N ASP A 207 -1.40 14.58 -3.88
CA ASP A 207 -1.66 13.88 -5.12
C ASP A 207 -3.14 13.84 -5.52
N ALA A 208 -3.38 13.74 -6.82
CA ALA A 208 -4.71 13.67 -7.43
C ALA A 208 -5.56 12.54 -6.86
N ALA A 209 -4.90 11.48 -6.43
CA ALA A 209 -5.62 10.31 -5.97
C ALA A 209 -6.00 10.39 -4.50
N GLY A 210 -5.59 11.45 -3.79
CA GLY A 210 -5.92 11.63 -2.39
C GLY A 210 -5.18 10.71 -1.41
N VAL A 211 -4.12 10.04 -1.87
CA VAL A 211 -3.40 9.09 -1.01
C VAL A 211 -2.64 9.79 0.15
N THR A 212 -1.89 10.84 -0.20
CA THR A 212 -1.23 11.69 0.79
C THR A 212 -2.23 12.17 1.85
N ALA A 213 -3.39 12.61 1.39
CA ALA A 213 -4.47 13.07 2.25
C ALA A 213 -4.85 12.00 3.28
N ALA A 214 -4.98 10.75 2.83
CA ALA A 214 -5.25 9.64 3.74
C ALA A 214 -4.09 9.46 4.72
N PHE A 215 -2.88 9.49 4.19
CA PHE A 215 -1.64 9.42 4.97
C PHE A 215 -1.66 10.49 6.07
N ASN A 216 -2.06 11.69 5.70
CA ASN A 216 -2.07 12.81 6.63
C ASN A 216 -3.13 12.57 7.67
N ARG A 217 -4.34 12.23 7.23
CA ARG A 217 -5.47 12.06 8.15
C ARG A 217 -5.21 10.96 9.16
N ASN A 218 -4.52 9.91 8.73
CA ASN A 218 -4.27 8.76 9.57
C ASN A 218 -3.56 9.07 10.90
N VAL A 219 -2.90 10.23 11.02
CA VAL A 219 -2.28 10.57 12.29
C VAL A 219 -3.37 10.71 13.35
N LEU A 220 -4.55 11.18 12.93
CA LEU A 220 -5.67 11.31 13.86
C LEU A 220 -6.18 9.91 14.25
N ALA A 221 -6.14 8.97 13.31
CA ALA A 221 -6.57 7.60 13.61
C ALA A 221 -5.62 6.96 14.64
N VAL A 222 -4.33 7.23 14.49
CA VAL A 222 -3.32 6.88 15.49
C VAL A 222 -3.64 7.45 16.88
N VAL A 223 -3.90 8.75 16.96
CA VAL A 223 -4.22 9.37 18.25
C VAL A 223 -5.51 8.76 18.80
N ASN A 224 -6.49 8.58 17.94
CA ASN A 224 -7.76 7.94 18.34
C ASN A 224 -7.55 6.57 19.01
N ARG A 225 -6.78 5.70 18.34
CA ARG A 225 -6.52 4.37 18.84
C ARG A 225 -5.68 4.40 20.11
N GLU A 226 -4.52 5.04 20.06
CA GLU A 226 -3.54 4.92 21.15
C GLU A 226 -3.90 5.71 22.40
N LEU A 227 -4.67 6.77 22.25
CA LEU A 227 -4.93 7.64 23.39
C LEU A 227 -6.41 7.90 23.60
N SER A 228 -7.24 6.95 23.15
CA SER A 228 -8.70 7.00 23.29
C SER A 228 -9.29 8.35 22.93
N ALA A 229 -9.14 8.77 21.68
CA ALA A 229 -9.63 10.08 21.21
C ALA A 229 -10.79 9.86 20.23
N ASP A 230 -11.57 10.92 19.97
CA ASP A 230 -12.69 10.85 19.03
C ASP A 230 -12.56 11.85 17.89
N PHE A 231 -11.37 11.94 17.32
CA PHE A 231 -11.19 12.72 16.11
C PHE A 231 -12.10 12.19 15.02
N ASP A 232 -12.95 13.06 14.47
CA ASP A 232 -13.73 12.74 13.29
C ASP A 232 -12.86 12.93 12.04
N LEU A 233 -12.32 11.84 11.52
CA LEU A 233 -11.40 11.90 10.38
C LEU A 233 -12.03 12.62 9.18
N ASP A 234 -13.33 12.41 8.96
CA ASP A 234 -13.99 13.01 7.80
C ASP A 234 -14.11 14.53 7.93
N ALA A 235 -13.85 15.05 9.12
CA ALA A 235 -14.08 16.47 9.40
C ALA A 235 -12.85 17.34 9.14
N PHE A 236 -11.76 16.73 8.66
CA PHE A 236 -10.50 17.46 8.45
C PHE A 236 -10.00 17.35 7.02
N GLU A 237 -9.76 18.51 6.42
CA GLU A 237 -9.33 18.61 5.04
C GLU A 237 -7.80 18.54 4.93
N HIS A 238 -7.28 17.75 4.01
CA HIS A 238 -5.84 17.76 3.77
C HIS A 238 -5.42 18.94 2.91
N VAL A 239 -4.49 19.74 3.41
CA VAL A 239 -3.97 20.89 2.67
C VAL A 239 -2.44 20.91 2.62
N ALA A 240 -1.88 21.02 1.42
CA ALA A 240 -0.44 21.17 1.29
C ALA A 240 -0.12 22.58 0.77
N LYS A 241 0.74 23.30 1.49
CA LYS A 241 1.12 24.65 1.11
C LYS A 241 2.64 24.73 0.89
N TRP A 242 3.05 25.58 -0.05
CA TRP A 242 4.46 25.91 -0.23
C TRP A 242 4.77 27.19 0.52
N ASN A 243 5.77 27.13 1.41
CA ASN A 243 6.20 28.31 2.16
C ASN A 243 7.47 28.86 1.49
N SER A 244 7.37 29.96 0.75
CA SER A 244 8.52 30.43 -0.03
C SER A 244 9.54 31.18 0.83
N ASP A 245 9.14 31.52 2.05
CA ASP A 245 10.07 32.14 3.00
C ASP A 245 11.03 31.12 3.61
N GLU A 246 10.53 29.91 3.82
CA GLU A 246 11.31 28.86 4.47
C GLU A 246 11.75 27.85 3.43
N GLU A 247 11.19 27.99 2.24
CA GLU A 247 11.43 27.10 1.10
C GLU A 247 11.21 25.65 1.54
N ARG A 248 9.96 25.40 1.93
CA ARG A 248 9.50 24.10 2.38
C ARG A 248 8.00 23.91 2.12
N ILE A 249 7.64 22.67 1.86
CA ILE A 249 6.25 22.24 1.87
C ILE A 249 5.77 22.09 3.32
N GLU A 250 4.55 22.52 3.60
CA GLU A 250 3.91 22.26 4.90
C GLU A 250 2.59 21.49 4.70
N MET A 251 2.42 20.39 5.43
CA MET A 251 1.14 19.68 5.45
C MET A 251 0.30 20.10 6.65
N TRP A 252 -0.95 20.44 6.41
CA TRP A 252 -1.87 20.80 7.50
C TRP A 252 -3.14 19.94 7.51
N LEU A 253 -3.81 19.93 8.65
CA LEU A 253 -5.12 19.32 8.75
C LEU A 253 -6.04 20.45 9.12
N ARG A 254 -7.02 20.70 8.25
CA ARG A 254 -7.89 21.86 8.40
C ARG A 254 -9.29 21.39 8.75
N ALA A 255 -9.82 21.86 9.86
CA ALA A 255 -11.16 21.49 10.28
C ALA A 255 -12.21 22.15 9.38
N ARG A 256 -13.09 21.34 8.77
CA ARG A 256 -14.18 21.84 7.93
C ARG A 256 -15.14 22.65 8.76
N THR A 257 -15.53 22.10 9.89
CA THR A 257 -16.46 22.74 10.81
C THR A 257 -15.84 22.78 12.20
N ALA A 258 -16.49 23.48 13.13
CA ALA A 258 -16.01 23.49 14.50
C ALA A 258 -16.04 22.08 15.12
N GLN A 259 -14.87 21.59 15.50
CA GLN A 259 -14.76 20.28 16.13
C GLN A 259 -14.35 20.42 17.60
N HIS A 260 -15.02 19.67 18.47
CA HIS A 260 -14.55 19.51 19.84
C HIS A 260 -14.07 18.07 20.03
N VAL A 261 -12.84 17.93 20.52
CA VAL A 261 -12.14 16.65 20.52
C VAL A 261 -11.67 16.27 21.92
N ARG A 262 -12.02 15.05 22.35
CA ARG A 262 -11.57 14.57 23.64
C ARG A 262 -10.53 13.47 23.51
N VAL A 263 -9.39 13.67 24.18
CA VAL A 263 -8.36 12.64 24.30
C VAL A 263 -8.47 12.02 25.70
N ALA A 264 -9.16 10.88 25.81
CA ALA A 264 -9.55 10.36 27.15
C ALA A 264 -8.35 9.92 27.99
N ALA A 265 -7.42 9.17 27.40
CA ALA A 265 -6.23 8.71 28.12
C ALA A 265 -5.42 9.86 28.74
N LEU A 266 -5.47 11.03 28.09
CA LEU A 266 -4.77 12.23 28.56
C LEU A 266 -5.66 13.15 29.40
N ASP A 267 -6.93 12.77 29.55
CA ASP A 267 -8.00 13.65 30.03
C ASP A 267 -7.83 15.09 29.53
N LEU A 268 -7.85 15.24 28.21
CA LEU A 268 -7.61 16.51 27.54
C LEU A 268 -8.80 16.88 26.64
N GLU A 269 -9.28 18.11 26.76
CA GLU A 269 -10.34 18.62 25.90
C GLU A 269 -9.76 19.64 24.90
N VAL A 270 -10.05 19.46 23.62
CA VAL A 270 -9.48 20.31 22.57
C VAL A 270 -10.58 20.88 21.69
N ASP A 271 -10.47 22.15 21.28
CA ASP A 271 -11.44 22.70 20.35
C ASP A 271 -10.79 23.19 19.06
N PHE A 272 -11.43 22.85 17.95
CA PHE A 272 -11.00 23.34 16.63
C PHE A 272 -12.05 24.29 16.09
N ALA A 273 -11.73 25.57 16.04
CA ALA A 273 -12.56 26.53 15.31
C ALA A 273 -12.69 26.07 13.86
N ALA A 274 -13.82 26.39 13.23
CA ALA A 274 -13.99 26.08 11.82
C ALA A 274 -12.87 26.75 11.02
N GLY A 275 -12.29 26.02 10.09
CA GLY A 275 -11.18 26.53 9.30
C GLY A 275 -9.83 26.50 9.99
N GLU A 276 -9.79 26.21 11.29
CA GLU A 276 -8.52 26.17 12.01
C GLU A 276 -7.63 25.08 11.44
N GLU A 277 -6.35 25.40 11.27
CA GLU A 277 -5.43 24.44 10.68
C GLU A 277 -4.44 23.90 11.71
N MET A 278 -4.03 22.65 11.52
CA MET A 278 -3.11 22.00 12.43
C MET A 278 -1.88 21.51 11.64
N LEU A 279 -0.70 22.01 12.00
CA LEU A 279 0.54 21.61 11.34
C LEU A 279 0.98 20.17 11.67
N THR A 280 1.05 19.30 10.66
CA THR A 280 1.48 17.92 10.90
C THR A 280 2.82 17.53 10.26
N GLU A 281 3.38 18.39 9.41
CA GLU A 281 4.67 18.10 8.79
C GLU A 281 5.21 19.28 7.98
N VAL A 282 6.53 19.43 8.00
CA VAL A 282 7.17 20.32 7.03
C VAL A 282 8.09 19.44 6.20
N SER A 283 8.29 19.80 4.94
CA SER A 283 9.24 19.09 4.09
C SER A 283 10.15 20.14 3.44
N CYS A 284 11.36 20.27 4.00
CA CYS A 284 12.29 21.33 3.56
C CYS A 284 13.05 20.96 2.29
N LYS A 285 13.03 21.88 1.33
CA LYS A 285 13.71 21.67 0.06
C LYS A 285 15.01 22.49 0.01
N PHE A 286 16.09 21.89 -0.48
CA PHE A 286 17.42 22.49 -0.37
C PHE A 286 17.97 23.10 -1.69
N ARG A 287 18.86 24.07 -1.53
CA ARG A 287 19.61 24.65 -2.64
C ARG A 287 21.03 24.12 -2.56
N PRO A 288 21.60 23.69 -3.70
CA PRO A 288 22.90 23.00 -3.75
C PRO A 288 23.99 23.70 -2.93
N GLU A 289 24.05 25.03 -3.00
CA GLU A 289 25.05 25.78 -2.23
C GLU A 289 24.83 25.68 -0.72
N ASN A 290 23.57 25.55 -0.29
CA ASN A 290 23.24 25.53 1.14
C ASN A 290 23.44 24.15 1.81
N VAL A 291 23.27 23.08 1.03
CA VAL A 291 23.64 21.74 1.49
C VAL A 291 25.12 21.72 1.91
N VAL A 292 25.99 22.23 1.04
CA VAL A 292 27.42 22.33 1.35
C VAL A 292 27.66 23.12 2.64
N ALA A 293 26.85 24.16 2.85
CA ALA A 293 26.96 25.00 4.01
C ALA A 293 26.48 24.29 5.29
N GLU A 294 25.30 23.67 5.24
CA GLU A 294 24.73 23.03 6.42
C GLU A 294 25.59 21.84 6.86
N LEU A 295 26.21 21.21 5.86
CA LEU A 295 27.18 20.15 6.09
C LEU A 295 28.39 20.67 6.85
N ALA A 296 28.98 21.76 6.38
CA ALA A 296 30.19 22.31 6.98
C ALA A 296 29.90 22.81 8.38
N GLU A 297 28.68 23.31 8.56
CA GLU A 297 28.24 23.85 9.85
C GLU A 297 28.08 22.69 10.84
N ALA A 298 27.80 21.50 10.31
CA ALA A 298 27.64 20.30 11.13
C ALA A 298 28.98 19.66 11.45
N GLY A 299 30.04 20.07 10.76
CA GLY A 299 31.36 19.50 10.93
C GLY A 299 31.73 18.50 9.85
N LEU A 300 31.13 18.68 8.67
CA LEU A 300 31.27 17.74 7.55
C LEU A 300 31.65 18.47 6.27
N ARG A 301 32.60 17.90 5.52
CA ARG A 301 32.97 18.44 4.23
C ARG A 301 32.41 17.56 3.11
N GLN A 302 31.70 18.18 2.17
CA GLN A 302 31.24 17.47 0.98
C GLN A 302 32.45 17.01 0.15
N THR A 303 32.49 15.74 -0.23
CA THR A 303 33.55 15.26 -1.11
C THR A 303 33.00 14.90 -2.50
N HIS A 304 31.71 14.63 -2.54
CA HIS A 304 31.05 14.30 -3.79
C HIS A 304 29.61 14.81 -3.83
N TRP A 305 29.14 15.08 -5.04
CA TRP A 305 27.80 15.63 -5.26
C TRP A 305 27.23 15.14 -6.58
N TRP A 306 26.05 14.53 -6.51
CA TRP A 306 25.37 13.92 -7.65
C TRP A 306 23.89 14.34 -7.76
N THR A 307 23.47 14.75 -8.96
CA THR A 307 22.05 15.03 -9.19
C THR A 307 21.54 14.16 -10.33
N ASP A 308 20.21 13.96 -10.35
CA ASP A 308 19.49 13.31 -11.44
C ASP A 308 19.59 14.18 -12.73
N PRO A 309 19.14 13.67 -13.89
CA PRO A 309 19.31 14.54 -15.08
C PRO A 309 18.61 15.91 -14.97
N ALA A 310 17.42 15.97 -14.36
CA ALA A 310 16.65 17.22 -14.32
C ALA A 310 16.99 18.16 -13.15
N GLY A 311 18.00 17.82 -12.36
CA GLY A 311 18.42 18.66 -11.23
C GLY A 311 17.40 18.71 -10.10
N ASP A 312 16.55 17.68 -10.04
CA ASP A 312 15.50 17.59 -9.04
C ASP A 312 16.00 17.30 -7.62
N PHE A 313 17.06 16.51 -7.49
CA PHE A 313 17.43 15.88 -6.21
C PHE A 313 18.95 15.80 -6.04
N GLY A 314 19.44 15.93 -4.82
CA GLY A 314 20.88 15.80 -4.55
C GLY A 314 21.26 14.66 -3.61
N LEU A 315 22.35 13.96 -3.98
CA LEU A 315 23.06 13.07 -3.08
C LEU A 315 24.41 13.67 -2.75
N SER A 316 24.75 13.68 -1.46
CA SER A 316 26.04 14.18 -1.02
C SER A 316 26.83 13.06 -0.35
N LEU A 317 28.14 13.11 -0.52
CA LEU A 317 29.03 12.26 0.24
C LEU A 317 29.94 13.18 1.02
N ALA A 318 30.02 12.95 2.33
CA ALA A 318 30.79 13.86 3.17
C ALA A 318 31.65 13.07 4.13
N VAL A 319 32.74 13.68 4.55
CA VAL A 319 33.64 13.13 5.54
C VAL A 319 33.82 14.15 6.64
N ARG A 320 34.33 13.71 7.78
CA ARG A 320 34.51 14.63 8.90
C ARG A 320 35.51 15.71 8.47
N LEU A 321 35.09 16.95 8.66
CA LEU A 321 35.89 18.14 8.39
C LEU A 321 36.97 18.25 9.45
N GLU A 322 38.19 18.60 9.05
CA GLU A 322 39.25 18.78 10.03
C GLU A 322 39.96 20.13 9.86
N HIS A 323 40.52 20.63 10.96
CA HIS A 323 41.06 21.98 11.03
C HIS A 323 42.54 22.03 11.43
N HIS A 324 43.22 23.09 11.00
CA HIS A 324 44.56 23.41 11.49
C HIS A 324 44.48 24.70 12.30
N HIS A 325 44.61 24.58 13.62
CA HIS A 325 44.47 25.73 14.51
C HIS A 325 45.77 26.51 14.63
N HIS A 326 45.69 27.75 15.10
CA HIS A 326 46.89 28.60 15.21
C HIS A 326 46.86 29.47 16.45
N HIS A 327 47.95 29.44 17.23
CA HIS A 327 47.95 30.06 18.55
C HIS A 327 49.19 30.91 18.77
N THR B 1 7.09 -23.81 -19.37
CA THR B 1 7.12 -22.65 -20.26
C THR B 1 5.93 -21.70 -20.00
N LEU B 2 5.89 -20.57 -20.71
CA LEU B 2 4.76 -19.65 -20.66
C LEU B 2 4.04 -19.54 -22.01
N SER B 3 2.72 -19.35 -21.95
CA SER B 3 1.86 -19.12 -23.11
C SER B 3 0.77 -18.09 -22.82
N LEU B 4 1.13 -16.80 -22.83
CA LEU B 4 0.15 -15.74 -22.68
C LEU B 4 -0.72 -15.55 -23.92
N ALA B 5 -2.04 -15.61 -23.74
CA ALA B 5 -2.98 -15.21 -24.78
C ALA B 5 -3.60 -13.88 -24.37
N ASN B 6 -3.86 -13.01 -25.35
CA ASN B 6 -4.39 -11.69 -25.02
C ASN B 6 -5.59 -11.28 -25.87
N TYR B 7 -6.80 -11.56 -25.38
CA TYR B 7 -8.02 -11.18 -26.10
C TYR B 7 -8.56 -9.79 -25.72
N LEU B 8 -7.82 -9.03 -24.92
CA LEU B 8 -8.24 -7.65 -24.68
C LEU B 8 -7.65 -6.68 -25.71
N ALA B 9 -8.51 -6.12 -26.56
CA ALA B 9 -8.10 -5.05 -27.47
C ALA B 9 -7.52 -3.88 -26.68
N ALA B 10 -6.60 -3.14 -27.30
CA ALA B 10 -5.82 -2.13 -26.59
C ALA B 10 -6.68 -1.05 -25.95
N ASP B 11 -7.77 -0.66 -26.62
CA ASP B 11 -8.68 0.32 -26.06
C ASP B 11 -10.12 -0.19 -26.05
N SER B 12 -10.35 -1.22 -25.26
CA SER B 12 -11.69 -1.70 -24.98
C SER B 12 -12.02 -1.34 -23.54
N ALA B 13 -10.97 -1.23 -22.73
CA ALA B 13 -11.10 -0.69 -21.38
C ALA B 13 -11.44 0.80 -21.43
N ALA B 14 -10.82 1.52 -22.36
CA ALA B 14 -11.12 2.95 -22.57
C ALA B 14 -12.57 3.16 -22.97
N GLU B 15 -13.03 2.33 -23.92
CA GLU B 15 -14.34 2.50 -24.55
C GLU B 15 -15.46 2.03 -23.64
N ALA B 16 -15.18 1.02 -22.82
CA ALA B 16 -16.13 0.53 -21.83
C ALA B 16 -16.21 1.47 -20.63
N LEU B 17 -15.13 2.20 -20.38
CA LEU B 17 -15.13 3.19 -19.32
C LEU B 17 -16.05 4.35 -19.71
N ARG B 18 -15.92 4.79 -20.95
CA ARG B 18 -16.78 5.85 -21.46
C ARG B 18 -18.25 5.50 -21.32
N ARG B 19 -18.59 4.25 -21.66
CA ARG B 19 -19.96 3.76 -21.55
C ARG B 19 -20.44 3.77 -20.11
N ASP B 20 -19.67 3.12 -19.24
CA ASP B 20 -20.02 2.94 -17.84
C ASP B 20 -20.19 4.27 -17.09
N VAL B 21 -19.35 5.26 -17.40
CA VAL B 21 -19.44 6.53 -16.68
C VAL B 21 -20.65 7.31 -17.20
N ARG B 22 -20.83 7.36 -18.51
CA ARG B 22 -21.99 8.05 -19.09
C ARG B 22 -23.31 7.51 -18.54
N ALA B 23 -23.49 6.19 -18.58
CA ALA B 23 -24.68 5.56 -18.02
C ALA B 23 -24.80 5.84 -16.51
N GLY B 24 -23.68 5.71 -15.81
CA GLY B 24 -23.63 5.85 -14.37
C GLY B 24 -23.98 7.24 -13.85
N LEU B 25 -23.40 8.27 -14.48
CA LEU B 25 -23.53 9.63 -13.98
C LEU B 25 -24.84 10.29 -14.40
N THR B 26 -25.60 9.64 -15.28
CA THR B 26 -26.83 10.25 -15.78
C THR B 26 -28.05 9.48 -15.32
N ALA B 27 -27.84 8.31 -14.74
CA ALA B 27 -28.95 7.55 -14.19
C ALA B 27 -29.60 8.39 -13.09
N ALA B 28 -30.91 8.26 -12.93
CA ALA B 28 -31.62 8.98 -11.88
C ALA B 28 -30.95 8.64 -10.53
N PRO B 29 -30.67 7.34 -10.24
CA PRO B 29 -29.70 7.10 -9.16
C PRO B 29 -28.28 6.94 -9.70
N LYS B 30 -27.38 7.87 -9.36
CA LYS B 30 -26.02 7.82 -9.88
C LYS B 30 -25.22 6.66 -9.30
N SER B 31 -24.33 6.10 -10.11
CA SER B 31 -23.49 5.00 -9.70
C SER B 31 -22.26 4.90 -10.59
N LEU B 32 -21.31 4.06 -10.18
CA LEU B 32 -20.16 3.75 -11.01
C LEU B 32 -19.82 2.29 -10.74
N PRO B 33 -19.46 1.53 -11.78
CA PRO B 33 -19.15 0.10 -11.60
C PRO B 33 -17.85 -0.10 -10.81
N PRO B 34 -17.83 -1.07 -9.90
CA PRO B 34 -16.68 -1.32 -9.01
C PRO B 34 -15.39 -1.71 -9.74
N LYS B 35 -15.49 -2.28 -10.94
CA LYS B 35 -14.30 -2.74 -11.66
C LYS B 35 -13.28 -1.62 -11.86
N TRP B 36 -13.77 -0.38 -11.91
CA TRP B 36 -12.92 0.77 -12.15
C TRP B 36 -12.21 1.25 -10.88
N PHE B 37 -12.44 0.57 -9.76
CA PHE B 37 -11.65 0.83 -8.54
C PHE B 37 -10.18 0.46 -8.73
N TYR B 38 -9.88 -0.39 -9.70
CA TYR B 38 -8.61 -1.15 -9.66
C TYR B 38 -7.57 -0.71 -10.70
N ASP B 39 -7.28 0.60 -10.72
CA ASP B 39 -6.11 1.10 -11.43
C ASP B 39 -4.84 0.80 -10.61
N ALA B 40 -3.68 1.34 -10.98
CA ALA B 40 -2.45 1.11 -10.22
C ALA B 40 -2.64 1.51 -8.75
N VAL B 41 -3.11 2.73 -8.53
CA VAL B 41 -3.36 3.29 -7.21
C VAL B 41 -4.44 2.54 -6.45
N GLY B 42 -5.54 2.26 -7.16
CA GLY B 42 -6.66 1.53 -6.61
C GLY B 42 -6.28 0.14 -6.09
N SER B 43 -5.45 -0.58 -6.86
CA SER B 43 -5.06 -1.95 -6.51
C SER B 43 -4.16 -1.97 -5.30
N ASP B 44 -3.28 -0.97 -5.23
CA ASP B 44 -2.43 -0.76 -4.06
C ASP B 44 -3.27 -0.49 -2.80
N LEU B 45 -4.22 0.43 -2.91
CA LEU B 45 -5.11 0.74 -1.79
C LEU B 45 -5.87 -0.49 -1.33
N PHE B 46 -6.27 -1.34 -2.29
CA PHE B 46 -7.08 -2.50 -1.91
C PHE B 46 -6.20 -3.53 -1.21
N ASP B 47 -4.98 -3.66 -1.70
CA ASP B 47 -3.98 -4.51 -1.07
C ASP B 47 -3.76 -4.11 0.38
N GLN B 48 -3.73 -2.81 0.62
CA GLN B 48 -3.62 -2.35 2.00
C GLN B 48 -4.89 -2.69 2.78
N ILE B 49 -6.05 -2.63 2.13
CA ILE B 49 -7.29 -2.99 2.81
C ILE B 49 -7.25 -4.44 3.35
N THR B 50 -6.60 -5.35 2.64
CA THR B 50 -6.58 -6.75 3.07
C THR B 50 -5.82 -6.96 4.39
N ARG B 51 -5.02 -5.97 4.77
CA ARG B 51 -4.29 -6.01 6.04
C ARG B 51 -4.96 -5.18 7.14
N LEU B 52 -6.06 -4.51 6.83
CA LEU B 52 -6.70 -3.69 7.87
C LEU B 52 -7.23 -4.56 9.01
N PRO B 53 -7.07 -4.08 10.25
CA PRO B 53 -7.58 -4.82 11.40
C PRO B 53 -9.08 -5.14 11.25
N GLU B 54 -9.89 -4.17 10.83
CA GLU B 54 -11.33 -4.38 10.65
C GLU B 54 -11.72 -5.28 9.45
N TYR B 55 -10.85 -5.39 8.45
CA TYR B 55 -11.21 -6.13 7.22
C TYR B 55 -10.78 -7.58 7.32
N TYR B 56 -11.63 -8.38 7.96
CA TYR B 56 -11.40 -9.81 8.18
C TYR B 56 -11.33 -10.70 6.90
N PRO B 57 -12.09 -10.36 5.81
CA PRO B 57 -12.31 -11.40 4.78
C PRO B 57 -11.08 -12.00 4.10
N THR B 58 -10.10 -11.19 3.70
CA THR B 58 -8.93 -11.76 3.04
C THR B 58 -8.22 -12.79 3.92
N ARG B 59 -7.93 -12.40 5.16
CA ARG B 59 -7.14 -13.26 6.05
C ARG B 59 -7.94 -14.47 6.53
N THR B 60 -9.26 -14.32 6.66
CA THR B 60 -10.10 -15.45 7.05
C THR B 60 -10.03 -16.53 5.98
N GLU B 61 -10.33 -16.15 4.75
CA GLU B 61 -10.30 -17.07 3.61
C GLU B 61 -8.95 -17.70 3.45
N ALA B 62 -7.91 -16.90 3.65
CA ALA B 62 -6.53 -17.37 3.61
C ALA B 62 -6.28 -18.47 4.65
N GLN B 63 -6.80 -18.28 5.86
CA GLN B 63 -6.64 -19.28 6.92
C GLN B 63 -7.31 -20.60 6.54
N ILE B 64 -8.54 -20.54 6.01
CA ILE B 64 -9.24 -21.76 5.63
C ILE B 64 -8.42 -22.52 4.58
N LEU B 65 -8.01 -21.77 3.57
CA LEU B 65 -7.20 -22.29 2.47
C LEU B 65 -5.91 -22.96 2.95
N ARG B 66 -5.28 -22.40 3.98
CA ARG B 66 -4.03 -22.95 4.50
C ARG B 66 -4.27 -24.31 5.16
N THR B 67 -5.40 -24.43 5.86
CA THR B 67 -5.79 -25.67 6.52
C THR B 67 -6.28 -26.73 5.54
N ARG B 68 -7.02 -26.28 4.53
CA ARG B 68 -7.78 -27.18 3.68
C ARG B 68 -7.20 -27.43 2.29
N SER B 69 -6.07 -26.79 1.98
CA SER B 69 -5.42 -26.97 0.66
C SER B 69 -5.18 -28.42 0.34
N ALA B 70 -4.59 -29.15 1.30
CA ALA B 70 -4.24 -30.53 1.06
C ALA B 70 -5.49 -31.34 0.74
N GLU B 71 -6.53 -31.08 1.53
CA GLU B 71 -7.82 -31.72 1.38
C GLU B 71 -8.49 -31.33 0.05
N ILE B 72 -8.46 -30.05 -0.30
CA ILE B 72 -9.03 -29.60 -1.57
C ILE B 72 -8.38 -30.35 -2.74
N ILE B 73 -7.06 -30.47 -2.71
CA ILE B 73 -6.37 -31.08 -3.82
C ILE B 73 -6.69 -32.57 -3.95
N ALA B 74 -6.74 -33.31 -2.83
CA ALA B 74 -7.16 -34.72 -2.86
C ALA B 74 -8.57 -34.85 -3.45
N ALA B 75 -9.47 -33.99 -3.03
CA ALA B 75 -10.85 -34.05 -3.49
C ALA B 75 -10.98 -33.69 -4.97
N ALA B 76 -10.21 -32.69 -5.42
CA ALA B 76 -10.25 -32.29 -6.82
C ALA B 76 -9.57 -33.34 -7.70
N GLY B 77 -8.45 -33.88 -7.21
CA GLY B 77 -7.65 -34.83 -7.98
C GLY B 77 -7.16 -34.19 -9.26
N ALA B 78 -7.07 -32.87 -9.26
CA ALA B 78 -6.75 -32.11 -10.46
C ALA B 78 -5.24 -31.97 -10.69
N ASP B 79 -4.82 -31.92 -11.96
CA ASP B 79 -3.42 -31.64 -12.30
C ASP B 79 -3.26 -30.22 -12.81
N THR B 80 -4.38 -29.52 -12.97
CA THR B 80 -4.37 -28.17 -13.55
C THR B 80 -5.13 -27.18 -12.66
N LEU B 81 -4.44 -26.13 -12.23
CA LEU B 81 -5.06 -25.04 -11.48
C LEU B 81 -5.40 -23.84 -12.36
N VAL B 82 -6.69 -23.49 -12.41
CA VAL B 82 -7.16 -22.28 -13.07
C VAL B 82 -7.61 -21.25 -12.04
N GLU B 83 -6.90 -20.13 -11.96
CA GLU B 83 -7.27 -19.09 -11.03
C GLU B 83 -7.92 -17.91 -11.75
N LEU B 84 -9.11 -17.52 -11.33
CA LEU B 84 -9.79 -16.37 -11.90
C LEU B 84 -9.60 -15.08 -11.05
N GLY B 85 -8.95 -14.07 -11.62
CA GLY B 85 -8.55 -12.87 -10.89
C GLY B 85 -7.21 -13.15 -10.25
N SER B 86 -6.22 -13.43 -11.09
CA SER B 86 -5.17 -14.39 -10.75
C SER B 86 -3.73 -13.92 -10.51
N GLY B 87 -2.89 -14.93 -10.23
CA GLY B 87 -1.45 -14.79 -10.07
C GLY B 87 -1.01 -14.17 -8.76
N THR B 88 -1.81 -13.22 -8.29
CA THR B 88 -1.46 -12.33 -7.20
C THR B 88 -1.03 -13.00 -5.88
N SER B 89 -1.97 -13.71 -5.26
CA SER B 89 -1.90 -13.97 -3.83
C SER B 89 -1.03 -15.16 -3.42
N GLU B 90 -0.72 -15.21 -2.13
CA GLU B 90 -0.08 -16.38 -1.56
C GLU B 90 -1.06 -17.55 -1.58
N LYS B 91 -2.35 -17.21 -1.68
CA LYS B 91 -3.43 -18.19 -1.80
C LYS B 91 -3.19 -19.13 -2.98
N THR B 92 -2.68 -18.57 -4.07
CA THR B 92 -2.40 -19.39 -5.24
C THR B 92 -1.34 -20.42 -4.90
N ARG B 93 -0.35 -19.98 -4.14
CA ARG B 93 0.80 -20.83 -3.87
C ARG B 93 0.45 -21.95 -2.90
N MET B 94 -0.48 -21.69 -1.99
CA MET B 94 -0.95 -22.74 -1.08
C MET B 94 -1.53 -23.89 -1.89
N LEU B 95 -2.35 -23.55 -2.87
CA LEU B 95 -2.97 -24.56 -3.72
C LEU B 95 -1.90 -25.25 -4.56
N LEU B 96 -1.04 -24.44 -5.17
CA LEU B 96 0.03 -24.97 -6.02
C LEU B 96 0.97 -25.87 -5.23
N ASP B 97 1.32 -25.43 -4.02
CA ASP B 97 2.18 -26.23 -3.17
C ASP B 97 1.52 -27.56 -2.87
N ALA B 98 0.23 -27.50 -2.54
CA ALA B 98 -0.55 -28.69 -2.23
C ALA B 98 -0.64 -29.61 -3.45
N MET B 99 -0.59 -29.06 -4.65
CA MET B 99 -0.55 -29.91 -5.86
C MET B 99 0.83 -30.54 -6.08
N ARG B 100 1.86 -29.82 -5.70
CA ARG B 100 3.22 -30.35 -5.73
C ARG B 100 3.41 -31.48 -4.73
N ASP B 101 3.07 -31.23 -3.47
CA ASP B 101 3.20 -32.24 -2.41
C ASP B 101 2.48 -33.52 -2.80
N ALA B 102 1.43 -33.35 -3.61
CA ALA B 102 0.63 -34.48 -4.11
C ALA B 102 1.24 -35.10 -5.37
N GLU B 103 2.27 -34.45 -5.92
CA GLU B 103 2.89 -34.85 -7.18
C GLU B 103 1.88 -34.86 -8.31
N LEU B 104 0.95 -33.90 -8.27
CA LEU B 104 -0.09 -33.77 -9.27
C LEU B 104 0.13 -32.58 -10.19
N LEU B 105 0.87 -31.59 -9.70
CA LEU B 105 1.03 -30.33 -10.40
C LEU B 105 1.62 -30.52 -11.80
N ARG B 106 0.91 -30.00 -12.80
CA ARG B 106 1.34 -29.97 -14.18
C ARG B 106 1.15 -28.58 -14.82
N ARG B 107 -0.04 -27.99 -14.61
CA ARG B 107 -0.43 -26.82 -15.37
C ARG B 107 -1.12 -25.72 -14.54
N PHE B 108 -0.78 -24.46 -14.85
CA PHE B 108 -1.34 -23.28 -14.21
C PHE B 108 -1.96 -22.35 -15.27
N ILE B 109 -3.21 -21.96 -15.07
CA ILE B 109 -3.89 -21.06 -15.99
C ILE B 109 -4.43 -19.82 -15.27
N PRO B 110 -3.59 -18.79 -15.15
CA PRO B 110 -4.04 -17.47 -14.68
C PRO B 110 -4.88 -16.74 -15.71
N PHE B 111 -5.92 -16.06 -15.25
CA PHE B 111 -6.90 -15.41 -16.09
C PHE B 111 -7.29 -14.07 -15.45
N ASP B 112 -6.84 -12.98 -16.04
CA ASP B 112 -7.04 -11.65 -15.49
C ASP B 112 -7.14 -10.62 -16.61
N VAL B 113 -7.18 -9.35 -16.23
CA VAL B 113 -7.48 -8.30 -17.17
C VAL B 113 -6.20 -7.50 -17.46
N ASP B 114 -5.12 -7.83 -16.77
CA ASP B 114 -3.88 -7.07 -16.91
C ASP B 114 -2.77 -7.98 -17.44
N ALA B 115 -2.37 -7.75 -18.70
CA ALA B 115 -1.37 -8.62 -19.29
C ALA B 115 -0.06 -8.50 -18.51
N GLY B 116 0.26 -7.28 -18.09
CA GLY B 116 1.47 -7.04 -17.33
C GLY B 116 1.56 -7.87 -16.06
N VAL B 117 0.48 -7.84 -15.27
CA VAL B 117 0.43 -8.60 -14.02
C VAL B 117 0.57 -10.09 -14.32
N LEU B 118 -0.15 -10.57 -15.32
CA LEU B 118 -0.01 -11.95 -15.79
C LEU B 118 1.45 -12.23 -16.14
N ARG B 119 1.94 -11.57 -17.20
CA ARG B 119 3.31 -11.69 -17.69
C ARG B 119 4.36 -11.85 -16.59
N SER B 120 4.22 -11.06 -15.53
CA SER B 120 5.23 -11.02 -14.47
C SER B 120 5.01 -12.12 -13.43
N ALA B 121 3.77 -12.31 -13.01
CA ALA B 121 3.45 -13.33 -12.02
C ALA B 121 3.64 -14.74 -12.60
N GLY B 122 3.63 -14.86 -13.92
CA GLY B 122 3.85 -16.13 -14.59
C GLY B 122 5.31 -16.54 -14.66
N ALA B 123 6.18 -15.60 -15.03
CA ALA B 123 7.60 -15.89 -15.05
C ALA B 123 8.12 -16.15 -13.62
N ALA B 124 7.33 -15.74 -12.62
CA ALA B 124 7.70 -15.92 -11.21
C ALA B 124 7.10 -17.20 -10.57
N ILE B 125 5.88 -17.54 -10.95
CA ILE B 125 5.33 -18.85 -10.60
C ILE B 125 6.15 -19.90 -11.35
N GLY B 126 6.45 -19.59 -12.61
CA GLY B 126 7.26 -20.45 -13.46
C GLY B 126 8.66 -20.64 -12.91
N ALA B 127 9.08 -19.73 -12.04
CA ALA B 127 10.37 -19.83 -11.37
C ALA B 127 10.30 -20.87 -10.26
N GLU B 128 9.35 -20.67 -9.34
CA GLU B 128 9.17 -21.46 -8.12
C GLU B 128 8.90 -22.96 -8.41
N TYR B 129 8.05 -23.22 -9.39
CA TYR B 129 7.68 -24.59 -9.75
C TYR B 129 8.21 -24.94 -11.12
N PRO B 130 9.49 -25.37 -11.21
CA PRO B 130 10.10 -25.67 -12.51
C PRO B 130 9.37 -26.81 -13.22
N GLY B 131 9.22 -26.69 -14.52
CA GLY B 131 8.60 -27.76 -15.31
C GLY B 131 7.12 -27.56 -15.52
N ILE B 132 6.57 -26.50 -14.94
CA ILE B 132 5.15 -26.19 -15.07
C ILE B 132 4.81 -25.65 -16.45
N GLU B 133 3.65 -26.04 -16.97
CA GLU B 133 3.11 -25.45 -18.20
C GLU B 133 2.12 -24.31 -17.83
N ILE B 134 2.52 -23.08 -18.07
CA ILE B 134 1.70 -21.90 -17.77
C ILE B 134 1.03 -21.29 -18.99
N ASP B 135 -0.29 -21.16 -18.92
CA ASP B 135 -1.07 -20.60 -20.02
C ASP B 135 -1.93 -19.43 -19.54
N ALA B 136 -1.30 -18.26 -19.37
CA ALA B 136 -2.02 -17.07 -19.00
C ALA B 136 -3.04 -16.69 -20.06
N VAL B 137 -4.25 -16.32 -19.63
CA VAL B 137 -5.25 -15.73 -20.51
C VAL B 137 -5.50 -14.30 -20.05
N CYS B 138 -5.38 -13.34 -20.95
CA CYS B 138 -5.72 -11.97 -20.63
C CYS B 138 -7.10 -11.71 -21.21
N GLY B 139 -8.13 -11.88 -20.40
CA GLY B 139 -9.50 -11.81 -20.87
C GLY B 139 -10.47 -11.35 -19.79
N ASP B 140 -11.75 -11.30 -20.14
CA ASP B 140 -12.78 -10.74 -19.28
C ASP B 140 -13.88 -11.76 -19.00
N PHE B 141 -14.26 -11.83 -17.72
CA PHE B 141 -15.25 -12.77 -17.20
C PHE B 141 -16.51 -12.87 -18.02
N GLU B 142 -16.98 -11.73 -18.50
CA GLU B 142 -18.28 -11.64 -19.13
C GLU B 142 -18.21 -12.13 -20.58
N GLU B 143 -17.00 -12.18 -21.15
CA GLU B 143 -16.81 -12.51 -22.57
C GLU B 143 -15.92 -13.74 -22.82
N HIS B 144 -14.90 -13.92 -21.98
CA HIS B 144 -13.76 -14.75 -22.36
C HIS B 144 -13.51 -15.98 -21.51
N LEU B 145 -14.47 -16.38 -20.70
CA LEU B 145 -14.25 -17.55 -19.84
C LEU B 145 -14.12 -18.76 -20.76
N GLY B 146 -14.86 -18.74 -21.86
CA GLY B 146 -14.80 -19.81 -22.85
C GLY B 146 -13.41 -20.03 -23.43
N LYS B 147 -12.61 -18.97 -23.43
CA LYS B 147 -11.25 -18.99 -23.96
C LYS B 147 -10.30 -19.88 -23.16
N ILE B 148 -10.67 -20.21 -21.92
CA ILE B 148 -9.84 -21.01 -21.01
C ILE B 148 -9.78 -22.48 -21.43
N PRO B 149 -8.55 -22.99 -21.69
CA PRO B 149 -8.28 -24.35 -22.23
C PRO B 149 -8.86 -25.53 -21.41
N HIS B 150 -9.40 -26.55 -22.09
CA HIS B 150 -9.99 -27.71 -21.40
C HIS B 150 -9.15 -29.00 -21.51
N VAL B 151 -7.84 -28.85 -21.58
CA VAL B 151 -6.97 -30.02 -21.59
C VAL B 151 -6.61 -30.39 -20.14
N GLY B 152 -6.95 -31.60 -19.74
CA GLY B 152 -6.66 -32.07 -18.41
C GLY B 152 -7.85 -31.99 -17.46
N ARG B 153 -7.59 -32.34 -16.19
CA ARG B 153 -8.58 -32.26 -15.13
C ARG B 153 -8.33 -30.98 -14.33
N ARG B 154 -9.35 -30.14 -14.21
CA ARG B 154 -9.09 -28.76 -13.77
C ARG B 154 -9.75 -28.36 -12.44
N LEU B 155 -8.94 -27.77 -11.57
CA LEU B 155 -9.43 -27.04 -10.43
C LEU B 155 -9.49 -25.55 -10.77
N VAL B 156 -10.71 -25.04 -10.86
CA VAL B 156 -10.99 -23.65 -11.15
C VAL B 156 -11.31 -22.92 -9.85
N VAL B 157 -10.53 -21.89 -9.53
CA VAL B 157 -10.72 -21.19 -8.26
C VAL B 157 -11.12 -19.73 -8.46
N PHE B 158 -12.06 -19.28 -7.63
CA PHE B 158 -12.56 -17.92 -7.66
C PHE B 158 -12.64 -17.49 -6.20
N LEU B 159 -11.54 -16.92 -5.73
CA LEU B 159 -11.35 -16.47 -4.37
C LEU B 159 -11.42 -14.96 -4.30
N GLY B 160 -11.24 -14.41 -3.09
CA GLY B 160 -11.21 -12.96 -2.92
C GLY B 160 -12.58 -12.35 -2.68
N SER B 161 -13.63 -13.17 -2.80
CA SER B 161 -15.02 -12.72 -2.62
C SER B 161 -15.55 -11.67 -3.61
N THR B 162 -15.03 -11.70 -4.85
CA THR B 162 -15.53 -10.80 -5.91
C THR B 162 -16.94 -11.12 -6.31
N ILE B 163 -17.30 -12.40 -6.14
CA ILE B 163 -18.60 -12.92 -6.52
C ILE B 163 -19.70 -12.14 -5.80
N GLY B 164 -19.37 -11.58 -4.64
CA GLY B 164 -20.32 -10.82 -3.83
C GLY B 164 -20.50 -9.39 -4.31
N ASN B 165 -19.57 -8.94 -5.14
CA ASN B 165 -19.66 -7.59 -5.73
C ASN B 165 -20.63 -7.52 -6.92
N LEU B 166 -21.14 -8.67 -7.35
CA LEU B 166 -22.24 -8.75 -8.33
C LEU B 166 -23.58 -8.92 -7.60
N THR B 167 -24.58 -8.16 -8.03
CA THR B 167 -25.95 -8.25 -7.50
C THR B 167 -26.58 -9.55 -8.02
N PRO B 168 -27.70 -10.01 -7.40
CA PRO B 168 -28.22 -11.36 -7.70
C PRO B 168 -28.37 -11.72 -9.19
N ALA B 169 -28.86 -10.80 -10.01
CA ALA B 169 -29.12 -11.11 -11.41
C ALA B 169 -27.83 -11.33 -12.22
N PRO B 170 -26.89 -10.37 -12.20
CA PRO B 170 -25.66 -10.75 -12.90
C PRO B 170 -24.78 -11.74 -12.13
N ARG B 171 -25.01 -11.95 -10.82
CA ARG B 171 -24.24 -12.96 -10.10
C ARG B 171 -24.64 -14.36 -10.60
N ALA B 172 -25.95 -14.60 -10.70
CA ALA B 172 -26.45 -15.88 -11.20
C ALA B 172 -25.96 -16.07 -12.64
N GLU B 173 -25.98 -15.00 -13.43
CA GLU B 173 -25.52 -15.07 -14.82
C GLU B 173 -24.06 -15.53 -14.92
N PHE B 174 -23.19 -14.98 -14.05
CA PHE B 174 -21.78 -15.37 -14.03
C PHE B 174 -21.53 -16.78 -13.49
N LEU B 175 -22.29 -17.18 -12.48
CA LEU B 175 -22.14 -18.55 -11.96
C LEU B 175 -22.53 -19.56 -13.04
N SER B 176 -23.59 -19.23 -13.78
CA SER B 176 -24.13 -20.13 -14.77
C SER B 176 -23.16 -20.33 -15.93
N THR B 177 -22.70 -19.22 -16.53
CA THR B 177 -21.78 -19.31 -17.68
C THR B 177 -20.45 -20.00 -17.27
N LEU B 178 -19.99 -19.73 -16.04
CA LEU B 178 -18.82 -20.41 -15.46
C LEU B 178 -19.01 -21.94 -15.27
N ALA B 179 -20.19 -22.33 -14.76
CA ALA B 179 -20.52 -23.73 -14.65
C ALA B 179 -20.52 -24.40 -16.03
N ASP B 180 -20.83 -23.62 -17.07
CA ASP B 180 -20.92 -24.16 -18.43
C ASP B 180 -19.56 -24.49 -19.03
N THR B 181 -18.53 -23.76 -18.62
CA THR B 181 -17.17 -24.06 -19.06
C THR B 181 -16.65 -25.37 -18.46
N LEU B 182 -17.08 -25.69 -17.23
CA LEU B 182 -16.60 -26.88 -16.54
C LEU B 182 -16.97 -28.19 -17.23
N GLN B 183 -15.97 -29.01 -17.47
CA GLN B 183 -16.19 -30.35 -18.05
C GLN B 183 -16.32 -31.36 -16.92
N PRO B 184 -16.87 -32.56 -17.22
CA PRO B 184 -16.87 -33.66 -16.25
C PRO B 184 -15.47 -33.95 -15.67
N GLY B 185 -15.37 -34.01 -14.35
CA GLY B 185 -14.08 -34.20 -13.69
C GLY B 185 -13.43 -32.92 -13.18
N ASP B 186 -13.96 -31.77 -13.58
CA ASP B 186 -13.46 -30.50 -13.09
C ASP B 186 -14.15 -30.10 -11.77
N SER B 187 -13.51 -29.23 -11.00
CA SER B 187 -14.10 -28.72 -9.78
C SER B 187 -13.98 -27.20 -9.71
N LEU B 188 -14.97 -26.58 -9.09
CA LEU B 188 -14.91 -25.14 -8.81
C LEU B 188 -14.71 -24.94 -7.30
N LEU B 189 -13.75 -24.08 -6.94
CA LEU B 189 -13.50 -23.69 -5.56
C LEU B 189 -13.91 -22.24 -5.43
N LEU B 190 -14.94 -22.00 -4.65
CA LEU B 190 -15.56 -20.70 -4.55
C LEU B 190 -15.59 -20.24 -3.10
N GLY B 191 -15.22 -18.98 -2.87
CA GLY B 191 -15.28 -18.38 -1.54
C GLY B 191 -16.45 -17.42 -1.42
N THR B 192 -17.17 -17.51 -0.31
CA THR B 192 -18.27 -16.59 -0.03
C THR B 192 -18.23 -16.06 1.41
N ASP B 193 -18.24 -14.74 1.57
CA ASP B 193 -18.30 -14.16 2.90
C ASP B 193 -19.71 -14.29 3.49
N LEU B 194 -19.81 -14.64 4.76
CA LEU B 194 -21.11 -14.96 5.37
C LEU B 194 -21.72 -13.86 6.24
N VAL B 195 -23.05 -13.80 6.27
CA VAL B 195 -23.77 -12.88 7.15
C VAL B 195 -23.29 -13.02 8.61
N LYS B 196 -23.06 -11.89 9.27
CA LYS B 196 -22.51 -11.85 10.63
C LYS B 196 -22.99 -10.56 11.27
N ASP B 197 -22.51 -10.23 12.47
CA ASP B 197 -22.85 -8.96 13.09
C ASP B 197 -22.66 -7.79 12.10
N THR B 198 -23.70 -6.97 11.94
CA THR B 198 -23.68 -5.90 10.93
C THR B 198 -22.72 -4.77 11.30
N GLY B 199 -22.58 -4.48 12.59
CA GLY B 199 -21.55 -3.57 13.05
C GLY B 199 -20.17 -4.01 12.60
N ARG B 200 -19.89 -5.30 12.71
CA ARG B 200 -18.65 -5.86 12.18
C ARG B 200 -18.58 -5.70 10.65
N LEU B 201 -19.73 -5.81 9.99
CA LEU B 201 -19.78 -5.73 8.54
C LEU B 201 -19.53 -4.30 8.08
N VAL B 202 -20.20 -3.35 8.73
CA VAL B 202 -20.01 -1.95 8.38
C VAL B 202 -18.57 -1.51 8.65
N ARG B 203 -17.96 -1.98 9.75
CA ARG B 203 -16.62 -1.51 10.07
C ARG B 203 -15.63 -2.00 9.04
N ALA B 204 -15.81 -3.24 8.57
CA ALA B 204 -14.94 -3.81 7.53
C ALA B 204 -14.90 -2.97 6.24
N TYR B 205 -15.96 -2.21 5.98
CA TYR B 205 -16.07 -1.43 4.74
C TYR B 205 -16.05 0.06 5.01
N ASP B 206 -15.72 0.40 6.24
CA ASP B 206 -15.47 1.78 6.65
C ASP B 206 -14.48 1.79 7.83
N ASP B 207 -13.22 1.47 7.54
CA ASP B 207 -12.22 1.35 8.60
C ASP B 207 -11.85 2.68 9.28
N ALA B 208 -11.51 2.58 10.56
CA ALA B 208 -11.09 3.69 11.42
C ALA B 208 -10.02 4.60 10.80
N ALA B 209 -9.11 3.99 10.03
CA ALA B 209 -8.01 4.73 9.45
C ALA B 209 -8.34 5.45 8.15
N GLY B 210 -9.54 5.24 7.61
CA GLY B 210 -9.97 5.90 6.37
C GLY B 210 -9.38 5.35 5.07
N VAL B 211 -8.75 4.17 5.12
CA VAL B 211 -8.16 3.61 3.90
C VAL B 211 -9.25 3.28 2.86
N THR B 212 -10.28 2.54 3.29
CA THR B 212 -11.41 2.22 2.42
C THR B 212 -12.03 3.48 1.79
N ALA B 213 -12.05 4.58 2.54
CA ALA B 213 -12.60 5.83 2.07
C ALA B 213 -11.75 6.37 0.90
N ALA B 214 -10.43 6.33 1.07
CA ALA B 214 -9.51 6.71 0.00
C ALA B 214 -9.70 5.81 -1.22
N PHE B 215 -9.83 4.50 -0.95
CA PHE B 215 -10.05 3.49 -1.98
C PHE B 215 -11.29 3.85 -2.80
N ASN B 216 -12.35 4.22 -2.10
CA ASN B 216 -13.64 4.51 -2.69
C ASN B 216 -13.55 5.82 -3.48
N ARG B 217 -12.97 6.87 -2.87
CA ARG B 217 -12.86 8.19 -3.51
C ARG B 217 -12.01 8.13 -4.78
N ASN B 218 -11.03 7.24 -4.79
CA ASN B 218 -10.11 7.13 -5.89
C ASN B 218 -10.78 6.81 -7.23
N VAL B 219 -12.00 6.29 -7.22
CA VAL B 219 -12.64 5.98 -8.48
C VAL B 219 -12.98 7.30 -9.18
N LEU B 220 -13.21 8.35 -8.40
CA LEU B 220 -13.39 9.69 -8.97
C LEU B 220 -12.07 10.19 -9.57
N ALA B 221 -10.95 9.85 -8.95
CA ALA B 221 -9.65 10.24 -9.47
C ALA B 221 -9.38 9.50 -10.77
N VAL B 222 -9.83 8.25 -10.85
CA VAL B 222 -9.76 7.50 -12.10
C VAL B 222 -10.58 8.18 -13.22
N VAL B 223 -11.82 8.56 -12.94
CA VAL B 223 -12.63 9.24 -13.96
C VAL B 223 -12.01 10.60 -14.34
N ASN B 224 -11.48 11.30 -13.35
CA ASN B 224 -10.80 12.58 -13.59
C ASN B 224 -9.65 12.44 -14.58
N ARG B 225 -8.83 11.41 -14.37
CA ARG B 225 -7.65 11.22 -15.21
C ARG B 225 -8.04 10.70 -16.58
N GLU B 226 -8.89 9.68 -16.64
CA GLU B 226 -9.13 9.01 -17.91
C GLU B 226 -10.13 9.72 -18.82
N LEU B 227 -10.93 10.62 -18.27
CA LEU B 227 -11.96 11.27 -19.08
C LEU B 227 -12.03 12.77 -18.83
N SER B 228 -10.94 13.34 -18.31
CA SER B 228 -10.81 14.79 -18.09
C SER B 228 -12.02 15.34 -17.35
N ALA B 229 -12.22 14.85 -16.14
CA ALA B 229 -13.31 15.30 -15.28
C ALA B 229 -12.69 16.17 -14.19
N ASP B 230 -13.52 16.96 -13.50
CA ASP B 230 -13.03 17.84 -12.43
C ASP B 230 -13.71 17.52 -11.11
N PHE B 231 -13.86 16.23 -10.81
CA PHE B 231 -14.39 15.81 -9.53
C PHE B 231 -13.56 16.36 -8.40
N ASP B 232 -14.21 17.05 -7.47
CA ASP B 232 -13.53 17.49 -6.25
C ASP B 232 -13.57 16.35 -5.23
N LEU B 233 -12.47 15.61 -5.13
CA LEU B 233 -12.44 14.45 -4.24
C LEU B 233 -12.75 14.82 -2.79
N ASP B 234 -12.40 16.04 -2.38
CA ASP B 234 -12.64 16.45 -0.99
C ASP B 234 -14.11 16.74 -0.71
N ALA B 235 -14.90 16.91 -1.77
CA ALA B 235 -16.31 17.25 -1.61
C ALA B 235 -17.19 16.01 -1.49
N PHE B 236 -16.58 14.85 -1.32
CA PHE B 236 -17.35 13.60 -1.30
C PHE B 236 -17.05 12.72 -0.06
N GLU B 237 -18.11 12.32 0.60
CA GLU B 237 -18.03 11.59 1.84
C GLU B 237 -18.15 10.09 1.61
N HIS B 238 -17.18 9.32 2.10
CA HIS B 238 -17.31 7.86 2.07
C HIS B 238 -18.37 7.41 3.03
N VAL B 239 -19.29 6.58 2.56
CA VAL B 239 -20.35 6.03 3.40
C VAL B 239 -20.56 4.54 3.13
N ALA B 240 -20.51 3.73 4.19
CA ALA B 240 -20.81 2.31 4.04
C ALA B 240 -22.08 1.98 4.82
N LYS B 241 -23.08 1.44 4.14
CA LYS B 241 -24.32 1.04 4.79
C LYS B 241 -24.52 -0.46 4.69
N TRP B 242 -25.18 -1.03 5.70
CA TRP B 242 -25.67 -2.41 5.64
C TRP B 242 -27.12 -2.37 5.19
N ASN B 243 -27.42 -3.15 4.15
CA ASN B 243 -28.78 -3.27 3.61
C ASN B 243 -29.37 -4.61 4.06
N SER B 244 -30.25 -4.59 5.06
CA SER B 244 -30.75 -5.85 5.62
C SER B 244 -31.76 -6.54 4.68
N ASP B 245 -32.33 -5.79 3.74
CA ASP B 245 -33.24 -6.38 2.76
C ASP B 245 -32.52 -7.32 1.81
N GLU B 246 -31.38 -6.86 1.28
CA GLU B 246 -30.62 -7.62 0.30
C GLU B 246 -29.42 -8.32 0.94
N GLU B 247 -29.22 -8.04 2.22
CA GLU B 247 -28.10 -8.58 3.01
C GLU B 247 -26.74 -8.31 2.35
N ARG B 248 -26.48 -7.03 2.12
CA ARG B 248 -25.26 -6.58 1.47
C ARG B 248 -24.77 -5.25 2.03
N ILE B 249 -23.45 -5.11 2.09
CA ILE B 249 -22.83 -3.83 2.34
C ILE B 249 -22.95 -3.00 1.04
N GLU B 250 -23.33 -1.73 1.17
CA GLU B 250 -23.31 -0.84 0.02
C GLU B 250 -22.34 0.32 0.30
N MET B 251 -21.36 0.50 -0.60
CA MET B 251 -20.45 1.63 -0.53
C MET B 251 -20.98 2.78 -1.36
N TRP B 252 -21.03 3.97 -0.78
CA TRP B 252 -21.54 5.18 -1.43
C TRP B 252 -20.57 6.35 -1.36
N LEU B 253 -20.74 7.30 -2.27
CA LEU B 253 -20.02 8.56 -2.19
C LEU B 253 -21.07 9.67 -2.07
N ARG B 254 -20.96 10.49 -1.03
CA ARG B 254 -22.00 11.47 -0.75
C ARG B 254 -21.44 12.89 -0.93
N ALA B 255 -22.10 13.66 -1.77
CA ALA B 255 -21.69 15.05 -1.99
C ALA B 255 -21.92 15.88 -0.72
N ARG B 256 -20.84 16.45 -0.17
CA ARG B 256 -20.92 17.31 1.00
C ARG B 256 -21.81 18.50 0.71
N THR B 257 -21.46 19.23 -0.35
CA THR B 257 -22.24 20.34 -0.85
C THR B 257 -22.71 20.04 -2.26
N ALA B 258 -23.38 21.01 -2.87
CA ALA B 258 -23.74 20.90 -4.28
C ALA B 258 -22.49 20.94 -5.16
N GLN B 259 -22.30 19.88 -5.95
CA GLN B 259 -21.18 19.82 -6.91
C GLN B 259 -21.66 19.82 -8.36
N HIS B 260 -21.05 20.66 -9.19
CA HIS B 260 -21.23 20.54 -10.63
C HIS B 260 -19.95 19.98 -11.23
N VAL B 261 -20.12 18.91 -12.02
CA VAL B 261 -19.02 18.13 -12.56
C VAL B 261 -19.09 18.04 -14.08
N ARG B 262 -18.00 18.40 -14.76
CA ARG B 262 -17.91 18.19 -16.19
C ARG B 262 -16.96 17.03 -16.52
N VAL B 263 -17.47 16.03 -17.24
CA VAL B 263 -16.60 15.01 -17.83
C VAL B 263 -16.32 15.41 -19.30
N ALA B 264 -15.14 15.99 -19.56
CA ALA B 264 -14.86 16.64 -20.85
C ALA B 264 -14.71 15.68 -22.03
N ALA B 265 -14.11 14.51 -21.82
CA ALA B 265 -13.93 13.57 -22.92
C ALA B 265 -15.27 13.05 -23.43
N LEU B 266 -16.29 13.02 -22.56
CA LEU B 266 -17.63 12.56 -22.91
C LEU B 266 -18.59 13.71 -23.25
N ASP B 267 -18.10 14.93 -23.12
CA ASP B 267 -18.92 16.14 -23.10
C ASP B 267 -20.21 15.97 -22.31
N LEU B 268 -20.04 15.82 -21.00
CA LEU B 268 -21.13 15.55 -20.08
C LEU B 268 -21.07 16.51 -18.90
N GLU B 269 -22.13 17.30 -18.72
CA GLU B 269 -22.29 18.09 -17.52
C GLU B 269 -23.20 17.29 -16.59
N VAL B 270 -22.88 17.26 -15.29
CA VAL B 270 -23.60 16.46 -14.32
C VAL B 270 -23.66 17.21 -12.98
N ASP B 271 -24.80 17.16 -12.27
CA ASP B 271 -24.90 17.89 -10.99
C ASP B 271 -25.20 16.97 -9.81
N PHE B 272 -24.56 17.26 -8.69
CA PHE B 272 -24.83 16.55 -7.43
C PHE B 272 -25.50 17.50 -6.47
N ALA B 273 -26.77 17.27 -6.19
CA ALA B 273 -27.44 17.95 -5.10
C ALA B 273 -26.63 17.73 -3.82
N ALA B 274 -26.64 18.73 -2.93
CA ALA B 274 -26.04 18.54 -1.63
C ALA B 274 -26.67 17.30 -1.00
N GLY B 275 -25.85 16.46 -0.38
CA GLY B 275 -26.36 15.24 0.23
C GLY B 275 -26.57 14.06 -0.71
N GLU B 276 -26.51 14.30 -2.02
CA GLU B 276 -26.76 13.22 -2.98
C GLU B 276 -25.71 12.12 -2.86
N GLU B 277 -26.16 10.86 -2.87
CA GLU B 277 -25.25 9.74 -2.78
C GLU B 277 -25.15 9.01 -4.12
N MET B 278 -23.95 8.49 -4.41
CA MET B 278 -23.70 7.75 -5.62
C MET B 278 -23.21 6.34 -5.26
N LEU B 279 -23.86 5.32 -5.82
CA LEU B 279 -23.53 3.92 -5.51
C LEU B 279 -22.27 3.45 -6.26
N THR B 280 -21.23 3.07 -5.52
CA THR B 280 -20.00 2.64 -6.18
C THR B 280 -19.71 1.15 -6.03
N GLU B 281 -20.37 0.50 -5.08
CA GLU B 281 -20.19 -0.94 -4.90
C GLU B 281 -21.20 -1.55 -3.94
N VAL B 282 -21.54 -2.80 -4.20
CA VAL B 282 -22.25 -3.61 -3.23
C VAL B 282 -21.34 -4.78 -2.85
N SER B 283 -21.48 -5.28 -1.63
CA SER B 283 -20.72 -6.43 -1.16
C SER B 283 -21.75 -7.38 -0.52
N CYS B 284 -22.18 -8.40 -1.26
CA CYS B 284 -23.24 -9.30 -0.78
C CYS B 284 -22.70 -10.36 0.16
N LYS B 285 -23.38 -10.54 1.29
CA LYS B 285 -23.00 -11.57 2.24
C LYS B 285 -23.97 -12.75 2.15
N PHE B 286 -23.45 -13.97 2.30
CA PHE B 286 -24.22 -15.19 2.04
C PHE B 286 -24.60 -16.01 3.30
N ARG B 287 -25.69 -16.74 3.19
CA ARG B 287 -26.06 -17.72 4.21
C ARG B 287 -25.71 -19.10 3.67
N PRO B 288 -25.18 -19.97 4.55
CA PRO B 288 -24.69 -21.30 4.15
C PRO B 288 -25.70 -22.09 3.31
N GLU B 289 -26.96 -22.15 3.71
CA GLU B 289 -27.96 -22.87 2.92
C GLU B 289 -28.13 -22.28 1.52
N ASN B 290 -27.93 -20.97 1.40
CA ASN B 290 -28.20 -20.27 0.14
C ASN B 290 -27.07 -20.38 -0.89
N VAL B 291 -25.82 -20.50 -0.42
CA VAL B 291 -24.72 -20.78 -1.34
C VAL B 291 -25.01 -22.10 -2.05
N VAL B 292 -25.50 -23.09 -1.30
CA VAL B 292 -25.86 -24.37 -1.88
C VAL B 292 -26.96 -24.22 -2.95
N ALA B 293 -27.96 -23.40 -2.66
CA ALA B 293 -29.03 -23.14 -3.60
C ALA B 293 -28.56 -22.35 -4.85
N GLU B 294 -27.76 -21.30 -4.67
CA GLU B 294 -27.29 -20.50 -5.82
C GLU B 294 -26.37 -21.32 -6.70
N LEU B 295 -25.66 -22.26 -6.06
CA LEU B 295 -24.82 -23.20 -6.78
C LEU B 295 -25.65 -24.14 -7.66
N ALA B 296 -26.74 -24.67 -7.12
CA ALA B 296 -27.56 -25.64 -7.85
C ALA B 296 -28.31 -24.94 -8.96
N GLU B 297 -28.68 -23.70 -8.71
CA GLU B 297 -29.35 -22.87 -9.69
C GLU B 297 -28.46 -22.67 -10.91
N ALA B 298 -27.15 -22.60 -10.67
CA ALA B 298 -26.16 -22.40 -11.73
C ALA B 298 -25.78 -23.69 -12.45
N GLY B 299 -26.25 -24.82 -11.92
CA GLY B 299 -25.90 -26.12 -12.46
C GLY B 299 -24.69 -26.76 -11.81
N LEU B 300 -24.49 -26.48 -10.51
CA LEU B 300 -23.34 -26.95 -9.74
C LEU B 300 -23.80 -27.58 -8.43
N ARG B 301 -23.23 -28.75 -8.11
CA ARG B 301 -23.48 -29.40 -6.83
C ARG B 301 -22.31 -29.17 -5.90
N GLN B 302 -22.59 -28.65 -4.71
CA GLN B 302 -21.55 -28.54 -3.66
C GLN B 302 -21.12 -29.93 -3.17
N THR B 303 -19.81 -30.15 -3.08
CA THR B 303 -19.31 -31.44 -2.60
C THR B 303 -18.53 -31.30 -1.31
N HIS B 304 -18.12 -30.07 -1.04
CA HIS B 304 -17.42 -29.76 0.20
C HIS B 304 -17.72 -28.36 0.68
N TRP B 305 -17.58 -28.18 1.99
CA TRP B 305 -17.90 -26.92 2.64
C TRP B 305 -17.06 -26.78 3.89
N TRP B 306 -16.32 -25.68 3.93
CA TRP B 306 -15.40 -25.38 5.02
C TRP B 306 -15.59 -23.98 5.55
N THR B 307 -15.67 -23.86 6.88
CA THR B 307 -15.68 -22.56 7.53
C THR B 307 -14.49 -22.43 8.46
N ASP B 308 -14.15 -21.19 8.80
CA ASP B 308 -13.15 -20.85 9.80
C ASP B 308 -13.69 -21.14 11.21
N PRO B 309 -12.87 -21.00 12.26
CA PRO B 309 -13.45 -21.29 13.58
C PRO B 309 -14.65 -20.38 13.96
N ALA B 310 -14.65 -19.12 13.54
CA ALA B 310 -15.71 -18.20 13.96
C ALA B 310 -16.95 -18.17 13.06
N GLY B 311 -17.04 -19.09 12.08
CA GLY B 311 -18.17 -19.13 11.15
C GLY B 311 -18.33 -17.87 10.30
N ASP B 312 -17.25 -17.08 10.23
CA ASP B 312 -17.23 -15.83 9.47
C ASP B 312 -17.26 -16.01 7.97
N PHE B 313 -16.75 -17.12 7.45
CA PHE B 313 -16.49 -17.24 6.02
C PHE B 313 -16.62 -18.68 5.50
N GLY B 314 -17.10 -18.83 4.27
CA GLY B 314 -17.23 -20.16 3.67
C GLY B 314 -16.51 -20.39 2.35
N LEU B 315 -15.78 -21.51 2.30
CA LEU B 315 -15.22 -22.05 1.08
C LEU B 315 -16.04 -23.24 0.60
N SER B 316 -16.41 -23.21 -0.67
CA SER B 316 -17.17 -24.29 -1.29
C SER B 316 -16.36 -24.98 -2.38
N LEU B 317 -16.64 -26.26 -2.56
CA LEU B 317 -16.11 -27.00 -3.68
C LEU B 317 -17.28 -27.66 -4.36
N ALA B 318 -17.34 -27.52 -5.68
CA ALA B 318 -18.51 -28.00 -6.43
C ALA B 318 -18.08 -28.59 -7.75
N VAL B 319 -18.86 -29.56 -8.22
CA VAL B 319 -18.65 -30.20 -9.52
C VAL B 319 -19.92 -29.98 -10.32
N ARG B 320 -19.89 -30.23 -11.63
CA ARG B 320 -21.08 -29.93 -12.40
C ARG B 320 -22.15 -30.98 -12.07
N LEU B 321 -23.27 -30.45 -11.62
CA LEU B 321 -24.51 -31.18 -11.36
C LEU B 321 -24.95 -31.99 -12.57
N GLU B 322 -25.61 -33.13 -12.37
CA GLU B 322 -26.27 -33.79 -13.50
C GLU B 322 -27.51 -34.56 -13.08
N HIS B 323 -28.48 -34.57 -13.97
CA HIS B 323 -29.83 -35.05 -13.74
C HIS B 323 -30.10 -36.34 -14.51
N HIS B 324 -31.17 -37.03 -14.12
CA HIS B 324 -31.72 -38.14 -14.91
C HIS B 324 -33.14 -37.78 -15.33
N HIS B 325 -33.31 -37.47 -16.61
CA HIS B 325 -34.61 -37.06 -17.14
C HIS B 325 -35.47 -38.28 -17.43
N HIS B 326 -36.76 -38.08 -17.69
CA HIS B 326 -37.68 -39.20 -17.96
C HIS B 326 -38.80 -38.86 -18.93
#